data_8U6R
#
_entry.id   8U6R
#
_cell.length_a   224.917
_cell.length_b   69.980
_cell.length_c   106.308
_cell.angle_alpha   90.00
_cell.angle_beta   105.53
_cell.angle_gamma   90.00
#
_symmetry.space_group_name_H-M   'C 1 2 1'
#
loop_
_entity.id
_entity.type
_entity.pdbx_description
1 polymer 'Reverse transcriptase/ribonuclease H'
2 polymer 'p51 RT'
3 non-polymer 3-(2-{[(4R)-2-cyanoindolizin-8-yl]oxy}phenoxy)-N-(2,2-difluoroethyl)propanamide
4 non-polymer 'PHOSPHATE ION'
5 water water
#
loop_
_entity_poly.entity_id
_entity_poly.type
_entity_poly.pdbx_seq_one_letter_code
_entity_poly.pdbx_strand_id
1 'polypeptide(L)'
;MVPISPIETVPVKLKPGMDGPKVKQWPLTEEKIKALVEICTEMEKEGKISKIGPENPYNTPVFAIKKKDSTKWRKLVDFR
ELNKRTQDFWEVQLGIPHPAGLKKKKSVTVLDVGDAYFSVPLDEDFRKYTAFTIPSINNETPGIRYQYNVLPQGWKGSPA
IFQSSMTKILEPFAAQNPDIVIYQYMDDLYVGSDLEIGQHRTKIEELRQHLLRWGLTTPDKKHQKEPPFLWMGYELHPDK
WTVQPIVLPEKDSWTVNDIQKLVGKLNWASQIYPGIKVRQLSKLLRGTKALTEVIPLTEEAELELAENREILKEPVHGVY
YDPSKDLIAEIQKQGQGQWTYQIYQEPFKNLKTGKYARMRGAHTNDVKQLTEAVQKITTESIVIWGKTPKFKLPIQKETW
ETWWTEYWQATWIPEWEFVNTPPLVKLWYQLEKEPIVGAETFYVDGAANRETKLGKAGYVTNKGRQKVVPLTNTTNQKTE
LQAIYLALQDSGLEVNIVTDSQYALGIIQAQPDKSESELVNQIIEQLIKKEKVYLAWVPAHKGIGGNEQVDKLV
;
A
2 'polypeptide(L)'
;PISPIETVPVKLKPGMDGPKVKQWPLTEEKIKALVEICTEMEKEGKISKIGPENPYNTPVFAIKKKDSTKWRKLVDFREL
NKRTQDFWEVQLGIPHPAGLKKKKSVTVLDVGDAYFSVPLDEDFRKYTAFTIPSINNETPGIRYQYNVLPQGWKGSPAIF
QSSMTKILEPFKKQNPDIVIYQYMDDLYVGSDLEIGQHRTKIEELRQHLLRWGLTTPDKKHQKEPPFLWMGYELHPDKWT
VQPIVLPEKDSWTVNDIQKLVGKLNWASQIYPGIKVRQLSKLLRGTKALTEVIPLTEEAELELAENREILKEPVHGVYYD
PSKDLIAEIQKQGQGQWTYQIYQEPFKNLKTGKYARMRGAHTNDVKQLTEAVQKITTESIVIWGKTPKFKLPIQKETWET
WWTEYWQATWIPEWEFVNTPPLVKLWYQ
;
B
#
loop_
_chem_comp.id
_chem_comp.type
_chem_comp.name
_chem_comp.formula
PO4 non-polymer 'PHOSPHATE ION' 'O4 P -3'
VP2 non-polymer 3-(2-{[(4R)-2-cyanoindolizin-8-yl]oxy}phenoxy)-N-(2,2-difluoroethyl)propanamide 'C20 H17 F2 N3 O3'
#
# COMPACT_ATOMS: atom_id res chain seq x y z
N ILE A 4 -28.10 -18.67 27.52
CA ILE A 4 -27.70 -19.84 28.37
C ILE A 4 -26.43 -19.46 29.13
N SER A 5 -25.74 -18.40 28.70
CA SER A 5 -24.47 -18.03 29.35
C SER A 5 -24.68 -16.86 30.30
N PRO A 6 -23.87 -16.72 31.37
CA PRO A 6 -23.98 -15.57 32.25
C PRO A 6 -23.07 -14.47 31.69
N ILE A 7 -22.71 -14.58 30.41
CA ILE A 7 -21.81 -13.58 29.77
C ILE A 7 -22.44 -12.20 29.85
N GLU A 8 -21.61 -11.17 30.03
CA GLU A 8 -22.14 -9.79 30.03
C GLU A 8 -22.50 -9.41 28.60
N THR A 9 -23.72 -8.93 28.39
CA THR A 9 -24.16 -8.55 27.04
C THR A 9 -23.33 -7.40 26.48
N VAL A 10 -23.38 -7.26 25.17
CA VAL A 10 -22.72 -6.17 24.44
C VAL A 10 -23.79 -5.20 23.97
N PRO A 11 -23.72 -3.93 24.33
CA PRO A 11 -24.78 -3.00 23.93
C PRO A 11 -24.73 -2.72 22.43
N VAL A 12 -25.90 -2.63 21.81
CA VAL A 12 -26.03 -2.50 20.37
C VAL A 12 -27.06 -1.42 20.05
N LYS A 13 -26.78 -0.57 19.06
CA LYS A 13 -27.71 0.47 18.66
C LYS A 13 -28.17 0.28 17.23
N LEU A 14 -29.14 1.11 16.84
CA LEU A 14 -29.57 1.14 15.45
C LEU A 14 -28.82 2.25 14.72
N LYS A 15 -28.61 2.05 13.41
CA LYS A 15 -28.00 3.09 12.59
C LYS A 15 -28.69 4.41 12.86
N PRO A 16 -27.95 5.51 13.05
CA PRO A 16 -28.56 6.73 13.61
C PRO A 16 -29.73 7.22 12.77
N GLY A 17 -30.75 7.74 13.46
CA GLY A 17 -31.96 8.22 12.79
C GLY A 17 -32.72 7.15 12.01
N MET A 18 -32.62 5.90 12.43
CA MET A 18 -33.43 4.83 11.86
C MET A 18 -34.32 4.24 12.96
N ASP A 19 -35.08 3.22 12.57
CA ASP A 19 -36.01 2.55 13.47
C ASP A 19 -36.17 1.11 13.03
N GLY A 20 -36.69 0.29 13.96
CA GLY A 20 -36.72 -1.16 13.81
C GLY A 20 -37.60 -1.67 12.70
N PRO A 21 -37.38 -2.93 12.30
CA PRO A 21 -37.96 -3.45 11.05
C PRO A 21 -39.43 -3.85 11.23
N LYS A 22 -40.30 -3.26 10.42
CA LYS A 22 -41.75 -3.45 10.50
C LYS A 22 -42.23 -4.11 9.21
N VAL A 23 -42.14 -5.43 9.14
CA VAL A 23 -42.50 -6.17 7.94
C VAL A 23 -43.73 -7.02 8.23
N LYS A 24 -44.44 -7.40 7.16
CA LYS A 24 -45.65 -8.19 7.27
C LYS A 24 -45.36 -9.64 6.96
N GLN A 25 -45.77 -10.52 7.87
CA GLN A 25 -45.60 -11.94 7.68
C GLN A 25 -46.51 -12.43 6.56
N TRP A 26 -45.96 -13.20 5.65
CA TRP A 26 -46.80 -13.73 4.61
C TRP A 26 -47.54 -14.97 5.11
N PRO A 27 -48.78 -15.20 4.68
CA PRO A 27 -49.45 -16.46 5.01
C PRO A 27 -48.70 -17.62 4.40
N LEU A 28 -48.49 -18.65 5.20
CA LEU A 28 -47.75 -19.82 4.76
C LEU A 28 -48.56 -21.07 5.08
N THR A 29 -48.08 -22.19 4.56
CA THR A 29 -48.83 -23.45 4.61
C THR A 29 -48.81 -24.02 6.02
N GLU A 30 -50.01 -24.29 6.54
CA GLU A 30 -50.18 -24.67 7.94
C GLU A 30 -49.37 -25.92 8.29
N GLU A 31 -49.08 -26.77 7.30
CA GLU A 31 -48.21 -27.93 7.46
C GLU A 31 -46.94 -27.54 8.20
N LYS A 32 -46.48 -26.31 7.95
CA LYS A 32 -45.29 -25.77 8.57
C LYS A 32 -45.60 -24.96 9.82
N ILE A 33 -46.73 -24.22 9.83
CA ILE A 33 -47.04 -23.38 10.98
C ILE A 33 -47.03 -24.19 12.26
N LYS A 34 -47.63 -25.39 12.23
CA LYS A 34 -47.57 -26.26 13.39
C LYS A 34 -46.19 -26.88 13.55
N ALA A 35 -45.50 -27.14 12.44
CA ALA A 35 -44.11 -27.56 12.56
C ALA A 35 -43.25 -26.45 13.17
N LEU A 36 -43.68 -25.19 13.07
CA LEU A 36 -42.92 -24.08 13.65
C LEU A 36 -43.04 -24.04 15.18
N VAL A 37 -44.25 -24.25 15.70
CA VAL A 37 -44.43 -24.15 17.14
C VAL A 37 -43.76 -25.29 17.89
N GLU A 38 -43.51 -26.42 17.23
CA GLU A 38 -42.70 -27.46 17.86
C GLU A 38 -41.27 -27.01 18.09
N ILE A 39 -40.87 -25.89 17.49
CA ILE A 39 -39.58 -25.27 17.71
C ILE A 39 -39.67 -24.13 18.70
N CYS A 40 -40.69 -23.28 18.58
CA CYS A 40 -40.83 -22.12 19.45
C CYS A 40 -41.00 -22.52 20.92
N THR A 41 -41.78 -23.56 21.18
CA THR A 41 -41.95 -24.03 22.55
C THR A 41 -40.69 -24.71 23.06
N GLU A 42 -40.03 -25.50 22.22
CA GLU A 42 -38.81 -26.14 22.66
C GLU A 42 -37.62 -25.20 22.74
N MET A 43 -37.75 -23.98 22.17
CA MET A 43 -36.80 -22.89 22.31
C MET A 43 -37.16 -21.97 23.47
N GLU A 44 -38.46 -21.67 23.64
CA GLU A 44 -38.89 -20.87 24.78
C GLU A 44 -38.59 -21.59 26.10
N LYS A 45 -38.71 -22.92 26.12
CA LYS A 45 -38.42 -23.68 27.34
C LYS A 45 -36.96 -23.56 27.74
N GLU A 46 -36.05 -23.45 26.76
CA GLU A 46 -34.65 -23.21 27.06
C GLU A 46 -34.30 -21.74 27.20
N GLY A 47 -35.27 -20.83 27.01
CA GLY A 47 -35.10 -19.40 27.28
C GLY A 47 -34.57 -18.55 26.12
N LYS A 48 -34.29 -19.16 24.98
CA LYS A 48 -33.63 -18.47 23.87
C LYS A 48 -34.57 -17.51 23.15
N ILE A 49 -35.89 -17.68 23.30
CA ILE A 49 -36.88 -16.68 22.91
C ILE A 49 -37.86 -16.51 24.06
N SER A 50 -38.88 -15.68 23.83
CA SER A 50 -39.94 -15.45 24.80
C SER A 50 -41.12 -14.77 24.10
N LYS A 51 -42.33 -15.21 24.45
CA LYS A 51 -43.53 -14.64 23.84
C LYS A 51 -43.72 -13.20 24.31
N ILE A 52 -44.29 -12.38 23.44
CA ILE A 52 -44.44 -10.95 23.69
C ILE A 52 -45.89 -10.56 23.39
N GLY A 53 -46.27 -9.37 23.84
CA GLY A 53 -47.60 -8.87 23.64
C GLY A 53 -47.72 -7.97 22.43
N PRO A 54 -48.58 -6.97 22.52
CA PRO A 54 -48.72 -5.98 21.43
C PRO A 54 -47.95 -4.67 21.63
N GLU A 55 -47.15 -4.61 22.69
CA GLU A 55 -46.38 -3.39 22.99
C GLU A 55 -45.34 -3.16 21.88
N ASN A 56 -45.17 -1.91 21.46
CA ASN A 56 -44.17 -1.56 20.41
C ASN A 56 -43.76 -2.79 19.62
N PRO A 57 -44.62 -3.35 18.74
CA PRO A 57 -44.22 -4.47 17.90
C PRO A 57 -43.70 -4.01 16.54
N TYR A 58 -42.40 -4.20 16.32
CA TYR A 58 -41.88 -4.35 14.98
C TYR A 58 -42.00 -5.82 14.60
N ASN A 59 -41.75 -6.14 13.34
CA ASN A 59 -41.84 -7.53 12.96
C ASN A 59 -40.83 -7.86 11.88
N THR A 60 -40.38 -9.11 11.89
CA THR A 60 -39.50 -9.68 10.90
C THR A 60 -40.12 -10.97 10.39
N PRO A 61 -39.98 -11.27 9.11
CA PRO A 61 -40.56 -12.51 8.56
C PRO A 61 -39.79 -13.76 8.97
N VAL A 62 -40.46 -14.90 8.82
CA VAL A 62 -39.91 -16.20 9.24
C VAL A 62 -40.44 -17.30 8.31
N PHE A 63 -39.57 -18.25 7.93
CA PHE A 63 -39.85 -19.32 6.98
C PHE A 63 -39.43 -20.68 7.55
N ALA A 64 -39.52 -21.74 6.74
CA ALA A 64 -39.09 -23.09 7.18
C ALA A 64 -38.88 -24.02 5.98
N ILE A 65 -38.04 -25.04 6.19
CA ILE A 65 -37.75 -26.02 5.15
C ILE A 65 -37.34 -27.36 5.75
N LYS A 66 -37.17 -28.37 4.89
CA LYS A 66 -36.83 -29.72 5.35
C LYS A 66 -35.35 -29.76 5.75
N LYS A 67 -34.83 -30.95 6.02
CA LYS A 67 -33.48 -31.13 6.55
C LYS A 67 -32.71 -32.08 5.67
N LYS A 68 -31.43 -31.77 5.48
CA LYS A 68 -30.50 -32.62 4.75
C LYS A 68 -30.35 -33.96 5.48
N THR A 71 -35.44 -34.95 8.22
CA THR A 71 -35.90 -35.66 9.40
C THR A 71 -36.49 -34.70 10.43
N LYS A 72 -35.98 -33.48 10.46
CA LYS A 72 -36.38 -32.48 11.44
C LYS A 72 -36.42 -31.13 10.73
N TRP A 73 -37.64 -30.67 10.43
CA TRP A 73 -37.83 -29.35 9.82
C TRP A 73 -37.13 -28.29 10.68
N ARG A 74 -36.63 -27.23 10.02
CA ARG A 74 -35.86 -26.19 10.68
C ARG A 74 -36.45 -24.82 10.39
N LYS A 75 -36.17 -23.87 11.29
CA LYS A 75 -36.75 -22.53 11.22
C LYS A 75 -35.76 -21.55 10.59
N LEU A 76 -36.29 -20.54 9.91
CA LEU A 76 -35.46 -19.52 9.27
C LEU A 76 -36.05 -18.13 9.51
N VAL A 77 -35.20 -17.18 9.90
CA VAL A 77 -35.60 -15.81 10.12
C VAL A 77 -34.75 -14.89 9.25
N ASP A 78 -35.40 -14.15 8.35
CA ASP A 78 -34.73 -13.30 7.36
C ASP A 78 -34.53 -11.93 7.98
N PHE A 79 -33.33 -11.68 8.50
CA PHE A 79 -33.04 -10.41 9.14
C PHE A 79 -32.55 -9.36 8.14
N ARG A 80 -32.76 -9.59 6.83
CA ARG A 80 -32.20 -8.72 5.79
C ARG A 80 -32.63 -7.28 5.96
N GLU A 81 -33.76 -7.04 6.63
CA GLU A 81 -34.16 -5.66 6.85
C GLU A 81 -33.65 -5.13 8.19
N LEU A 82 -33.75 -5.91 9.27
CA LEU A 82 -33.13 -5.49 10.53
C LEU A 82 -31.63 -5.33 10.37
N ASN A 83 -30.99 -6.27 9.64
CA ASN A 83 -29.56 -6.17 9.38
C ASN A 83 -29.20 -4.80 8.82
N LYS A 84 -30.05 -4.26 7.92
CA LYS A 84 -29.76 -2.97 7.29
C LYS A 84 -29.79 -1.83 8.31
N ARG A 85 -30.56 -1.96 9.38
CA ARG A 85 -30.80 -0.82 10.26
C ARG A 85 -29.95 -0.83 11.53
N THR A 86 -29.29 -1.96 11.79
CA THR A 86 -28.49 -2.09 13.03
C THR A 86 -27.18 -1.33 12.88
N GLN A 87 -26.53 -1.03 14.01
CA GLN A 87 -25.23 -0.33 13.97
C GLN A 87 -24.20 -1.20 13.25
N ASP A 88 -23.00 -0.69 13.06
CA ASP A 88 -21.93 -1.50 12.44
C ASP A 88 -21.02 -2.01 13.56
N PHE A 89 -20.33 -3.13 13.30
CA PHE A 89 -19.47 -3.74 14.31
C PHE A 89 -18.06 -3.87 13.75
N TRP A 90 -17.13 -4.20 14.64
CA TRP A 90 -15.79 -4.55 14.22
C TRP A 90 -15.85 -5.77 13.31
N GLU A 91 -14.98 -5.82 12.31
CA GLU A 91 -15.06 -6.87 11.30
C GLU A 91 -14.36 -8.13 11.81
N VAL A 92 -15.02 -9.27 11.66
CA VAL A 92 -14.50 -10.56 12.12
C VAL A 92 -13.27 -10.92 11.27
N GLN A 93 -12.49 -11.91 11.68
CA GLN A 93 -11.21 -12.15 11.02
C GLN A 93 -11.35 -12.47 9.53
N LEU A 94 -10.91 -11.53 8.67
CA LEU A 94 -11.01 -11.72 7.22
C LEU A 94 -10.11 -12.86 6.74
N GLY A 95 -8.88 -12.93 7.27
CA GLY A 95 -7.95 -13.99 6.89
C GLY A 95 -8.00 -15.18 7.83
N ILE A 96 -7.09 -16.12 7.57
CA ILE A 96 -6.85 -17.30 8.40
C ILE A 96 -5.36 -17.56 8.51
N PRO A 97 -4.94 -18.35 9.49
CA PRO A 97 -3.50 -18.63 9.58
C PRO A 97 -3.05 -19.57 8.48
N HIS A 98 -1.84 -19.37 8.03
CA HIS A 98 -1.42 -20.27 6.96
C HIS A 98 -0.60 -21.39 7.56
N PRO A 99 -0.88 -22.66 7.19
CA PRO A 99 -0.18 -23.77 7.84
C PRO A 99 1.34 -23.69 7.73
N ALA A 100 1.92 -23.16 6.65
CA ALA A 100 3.35 -22.90 6.67
C ALA A 100 3.81 -22.22 7.95
N GLY A 101 2.90 -21.51 8.63
CA GLY A 101 3.23 -20.67 9.76
C GLY A 101 3.04 -21.27 11.14
N LEU A 102 2.20 -22.30 11.28
CA LEU A 102 2.07 -23.02 12.54
C LEU A 102 3.41 -23.63 12.98
N LYS A 103 3.55 -23.86 14.29
CA LYS A 103 4.67 -24.60 14.82
C LYS A 103 4.12 -25.82 15.51
N LYS A 104 4.69 -26.99 15.18
CA LYS A 104 4.16 -28.26 15.64
C LYS A 104 4.10 -28.32 17.17
N LYS A 105 3.05 -28.95 17.67
CA LYS A 105 2.75 -29.00 19.10
C LYS A 105 2.33 -30.43 19.54
N LYS A 106 3.15 -31.42 19.16
CA LYS A 106 2.88 -32.82 19.60
C LYS A 106 1.39 -33.14 19.52
N SER A 107 0.65 -32.88 20.59
CA SER A 107 -0.76 -33.26 20.64
C SER A 107 -1.65 -32.05 20.31
N VAL A 108 -2.61 -32.22 19.41
CA VAL A 108 -3.50 -31.13 18.99
C VAL A 108 -4.95 -31.65 19.00
N THR A 109 -5.87 -30.83 19.51
CA THR A 109 -7.24 -31.27 19.73
C THR A 109 -8.23 -30.26 19.17
N VAL A 110 -9.26 -30.73 18.47
CA VAL A 110 -10.18 -29.86 17.75
C VAL A 110 -11.56 -29.98 18.36
N LEU A 111 -12.03 -28.89 18.95
CA LEU A 111 -13.28 -28.83 19.69
C LEU A 111 -14.21 -27.86 18.99
N ASP A 112 -15.39 -28.31 18.61
CA ASP A 112 -16.36 -27.41 17.99
C ASP A 112 -17.55 -27.24 18.92
N VAL A 113 -17.81 -26.00 19.31
CA VAL A 113 -18.92 -25.71 20.22
C VAL A 113 -20.20 -25.63 19.42
N GLY A 114 -21.23 -26.30 19.89
CA GLY A 114 -22.50 -26.32 19.22
C GLY A 114 -23.45 -25.33 19.86
N ASP A 115 -24.46 -24.93 19.09
CA ASP A 115 -25.45 -23.94 19.53
C ASP A 115 -24.82 -22.58 19.80
N ALA A 116 -23.64 -22.32 19.22
CA ALA A 116 -22.77 -21.27 19.74
C ALA A 116 -23.45 -19.91 19.82
N TYR A 117 -24.24 -19.53 18.82
CA TYR A 117 -24.85 -18.20 18.88
C TYR A 117 -26.00 -18.15 19.88
N PHE A 118 -26.71 -19.27 20.06
CA PHE A 118 -27.83 -19.29 21.01
C PHE A 118 -27.38 -19.54 22.44
N SER A 119 -26.13 -19.95 22.63
CA SER A 119 -25.63 -19.96 23.97
C SER A 119 -25.30 -18.56 24.51
N VAL A 120 -25.40 -17.49 23.72
CA VAL A 120 -24.87 -16.17 24.09
C VAL A 120 -26.01 -15.16 24.12
N PRO A 121 -26.17 -14.37 25.18
CA PRO A 121 -27.38 -13.57 25.33
C PRO A 121 -27.33 -12.27 24.51
N LEU A 122 -28.53 -11.71 24.30
CA LEU A 122 -28.72 -10.52 23.48
C LEU A 122 -29.00 -9.33 24.38
N ASP A 123 -28.43 -8.18 24.02
CA ASP A 123 -28.57 -6.96 24.82
C ASP A 123 -30.03 -6.61 25.02
N GLU A 124 -30.41 -6.30 26.26
CA GLU A 124 -31.82 -6.28 26.63
C GLU A 124 -32.63 -5.24 25.85
N ASP A 125 -32.17 -3.99 25.81
CA ASP A 125 -32.94 -2.96 25.14
C ASP A 125 -33.03 -3.14 23.62
N PHE A 126 -32.24 -4.03 23.04
CA PHE A 126 -32.26 -4.30 21.60
C PHE A 126 -33.15 -5.48 21.22
N ARG A 127 -33.64 -6.25 22.18
CA ARG A 127 -34.39 -7.46 21.83
C ARG A 127 -35.67 -7.14 21.07
N LYS A 128 -36.30 -6.00 21.34
CA LYS A 128 -37.62 -5.71 20.80
C LYS A 128 -37.62 -5.59 19.27
N TYR A 129 -36.46 -5.35 18.67
CA TYR A 129 -36.37 -5.25 17.21
C TYR A 129 -36.18 -6.60 16.53
N THR A 130 -36.03 -7.69 17.27
CA THR A 130 -36.01 -9.03 16.69
C THR A 130 -37.37 -9.71 16.72
N ALA A 131 -38.44 -8.96 16.99
CA ALA A 131 -39.77 -9.53 17.09
C ALA A 131 -40.22 -10.16 15.77
N PHE A 132 -40.84 -11.34 15.86
CA PHE A 132 -41.34 -12.08 14.71
C PHE A 132 -42.66 -12.76 15.08
N THR A 133 -43.43 -13.18 14.08
CA THR A 133 -44.80 -13.65 14.33
C THR A 133 -45.15 -14.92 13.54
N ILE A 134 -45.64 -15.94 14.24
CA ILE A 134 -46.22 -17.14 13.62
C ILE A 134 -47.68 -16.86 13.27
N PRO A 135 -48.12 -17.14 12.02
CA PRO A 135 -49.51 -16.82 11.64
C PRO A 135 -50.53 -17.91 11.95
N SER A 136 -51.75 -17.69 11.49
CA SER A 136 -52.92 -18.55 11.73
C SER A 136 -53.84 -18.40 10.52
N ILE A 137 -55.13 -18.73 10.69
CA ILE A 137 -56.14 -18.38 9.70
C ILE A 137 -57.03 -17.20 10.14
N ASN A 138 -57.08 -16.90 11.44
CA ASN A 138 -57.96 -15.89 12.05
C ASN A 138 -59.35 -15.87 11.44
N PRO A 142 -55.63 -14.17 15.13
CA PRO A 142 -54.58 -13.76 16.07
C PRO A 142 -53.19 -14.14 15.57
N GLY A 143 -52.20 -14.13 16.46
CA GLY A 143 -50.86 -14.58 16.11
C GLY A 143 -49.90 -14.64 17.30
N ILE A 144 -49.02 -15.65 17.32
CA ILE A 144 -47.99 -15.73 18.34
C ILE A 144 -46.94 -14.66 18.10
N ARG A 145 -46.60 -13.91 19.14
CA ARG A 145 -45.62 -12.84 19.02
C ARG A 145 -44.42 -13.17 19.89
N TYR A 146 -43.27 -13.38 19.26
CA TYR A 146 -42.03 -13.74 19.96
C TYR A 146 -41.00 -12.64 19.83
N GLN A 147 -39.78 -12.91 20.30
CA GLN A 147 -38.62 -12.03 20.24
C GLN A 147 -37.44 -12.81 20.80
N TYR A 148 -36.24 -12.37 20.46
CA TYR A 148 -35.08 -13.17 20.83
C TYR A 148 -34.45 -12.67 22.13
N ASN A 149 -33.88 -13.60 22.90
CA ASN A 149 -33.06 -13.26 24.05
C ASN A 149 -31.61 -13.62 23.86
N VAL A 150 -31.26 -14.36 22.81
CA VAL A 150 -29.89 -14.67 22.50
C VAL A 150 -29.57 -14.17 21.09
N LEU A 151 -28.26 -14.12 20.76
CA LEU A 151 -27.74 -13.75 19.46
C LEU A 151 -28.46 -14.51 18.36
N PRO A 152 -29.36 -13.87 17.61
CA PRO A 152 -30.09 -14.59 16.57
C PRO A 152 -29.16 -15.00 15.46
N GLN A 153 -29.54 -16.06 14.76
CA GLN A 153 -28.74 -16.58 13.66
C GLN A 153 -28.93 -15.73 12.41
N GLY A 154 -27.81 -15.39 11.75
CA GLY A 154 -27.87 -14.53 10.58
C GLY A 154 -28.23 -13.09 10.89
N TRP A 155 -28.07 -12.66 12.11
CA TRP A 155 -28.06 -11.25 12.42
C TRP A 155 -26.65 -10.74 12.17
N LYS A 156 -26.56 -9.46 11.78
CA LYS A 156 -25.26 -8.88 11.43
C LYS A 156 -24.32 -8.87 12.63
N GLY A 157 -24.84 -8.60 13.83
CA GLY A 157 -24.03 -8.52 15.03
C GLY A 157 -23.60 -9.83 15.66
N SER A 158 -24.21 -10.95 15.29
CA SER A 158 -23.91 -12.21 15.95
C SER A 158 -22.46 -12.68 15.82
N PRO A 159 -21.82 -12.68 14.66
CA PRO A 159 -20.45 -13.24 14.63
C PRO A 159 -19.48 -12.49 15.53
N ALA A 160 -19.48 -11.16 15.48
CA ALA A 160 -18.45 -10.39 16.17
C ALA A 160 -18.67 -10.42 17.67
N ILE A 161 -19.94 -10.40 18.09
CA ILE A 161 -20.23 -10.51 19.51
C ILE A 161 -19.78 -11.87 20.03
N PHE A 162 -20.21 -12.96 19.35
CA PHE A 162 -19.83 -14.31 19.80
C PHE A 162 -18.32 -14.46 19.86
N GLN A 163 -17.59 -13.91 18.88
CA GLN A 163 -16.16 -14.06 18.95
C GLN A 163 -15.61 -13.42 20.20
N SER A 164 -16.12 -12.23 20.55
CA SER A 164 -15.62 -11.50 21.70
C SER A 164 -16.03 -12.18 23.00
N SER A 165 -17.26 -12.71 23.05
CA SER A 165 -17.70 -13.47 24.20
C SER A 165 -16.76 -14.65 24.45
N MET A 166 -16.58 -15.49 23.43
CA MET A 166 -15.71 -16.64 23.54
C MET A 166 -14.32 -16.22 23.97
N THR A 167 -13.78 -15.16 23.38
CA THR A 167 -12.45 -14.75 23.76
C THR A 167 -12.39 -14.46 25.25
N LYS A 168 -13.40 -13.76 25.77
CA LYS A 168 -13.42 -13.42 27.19
C LYS A 168 -13.52 -14.65 28.07
N ILE A 169 -14.28 -15.65 27.61
CA ILE A 169 -14.47 -16.87 28.38
C ILE A 169 -13.17 -17.66 28.50
N LEU A 170 -12.40 -17.73 27.42
CA LEU A 170 -11.12 -18.41 27.52
C LEU A 170 -10.19 -17.71 28.50
N GLU A 171 -10.27 -16.39 28.62
CA GLU A 171 -9.21 -15.64 29.30
C GLU A 171 -8.82 -16.19 30.68
N PRO A 172 -9.74 -16.52 31.61
CA PRO A 172 -9.26 -17.09 32.89
C PRO A 172 -8.56 -18.44 32.74
N PHE A 173 -8.99 -19.30 31.81
CA PHE A 173 -8.36 -20.60 31.60
C PHE A 173 -6.95 -20.45 31.03
N ALA A 174 -6.69 -19.44 30.23
CA ALA A 174 -5.33 -19.26 29.77
C ALA A 174 -4.42 -18.81 30.90
N ALA A 175 -4.92 -17.95 31.79
CA ALA A 175 -4.07 -17.42 32.85
C ALA A 175 -3.65 -18.49 33.84
N GLN A 176 -4.39 -19.59 33.92
CA GLN A 176 -4.00 -20.72 34.75
C GLN A 176 -3.05 -21.69 34.03
N ASN A 177 -3.18 -21.81 32.70
CA ASN A 177 -2.42 -22.79 31.92
C ASN A 177 -1.63 -22.07 30.84
N PRO A 178 -0.56 -21.36 31.19
CA PRO A 178 0.28 -20.76 30.14
C PRO A 178 1.01 -21.79 29.30
N ASP A 179 0.83 -23.09 29.60
CA ASP A 179 1.54 -24.14 28.88
C ASP A 179 0.88 -24.47 27.55
N ILE A 180 -0.40 -24.15 27.37
CA ILE A 180 -1.14 -24.67 26.23
C ILE A 180 -1.63 -23.50 25.38
N VAL A 181 -1.90 -23.79 24.10
CA VAL A 181 -2.20 -22.74 23.14
C VAL A 181 -3.50 -23.06 22.40
N ILE A 182 -4.40 -22.07 22.38
CA ILE A 182 -5.73 -22.19 21.79
C ILE A 182 -5.82 -21.21 20.62
N TYR A 183 -6.11 -21.74 19.44
CA TYR A 183 -6.48 -20.94 18.28
C TYR A 183 -7.99 -20.90 18.24
N GLN A 184 -8.56 -19.70 18.12
CA GLN A 184 -10.00 -19.57 17.93
C GLN A 184 -10.34 -19.38 16.44
N TYR A 185 -11.49 -19.92 16.02
CA TYR A 185 -11.92 -19.72 14.65
C TYR A 185 -13.38 -20.09 14.42
N MET A 186 -14.21 -19.11 14.13
CA MET A 186 -15.66 -19.33 13.98
C MET A 186 -16.13 -20.15 15.18
N ASP A 187 -16.78 -21.30 14.99
CA ASP A 187 -17.35 -22.09 16.07
C ASP A 187 -16.40 -23.17 16.57
N ASP A 188 -15.12 -23.08 16.24
CA ASP A 188 -14.18 -24.14 16.54
C ASP A 188 -13.14 -23.59 17.49
N LEU A 189 -12.52 -24.48 18.25
CA LEU A 189 -11.32 -24.21 19.02
C LEU A 189 -10.29 -25.31 18.73
N TYR A 190 -9.04 -24.92 18.55
CA TYR A 190 -7.99 -25.87 18.27
C TYR A 190 -6.95 -25.71 19.35
N VAL A 191 -6.74 -26.77 20.13
CA VAL A 191 -5.93 -26.72 21.35
C VAL A 191 -4.68 -27.57 21.13
N GLY A 192 -3.51 -26.96 21.30
CA GLY A 192 -2.26 -27.65 21.08
C GLY A 192 -1.35 -27.50 22.29
N SER A 193 -0.54 -28.52 22.52
CA SER A 193 0.23 -28.58 23.76
C SER A 193 1.44 -29.50 23.61
N ASP A 194 2.56 -29.09 24.20
CA ASP A 194 3.67 -30.05 24.32
C ASP A 194 3.59 -30.85 25.62
N LEU A 195 2.39 -31.34 25.91
CA LEU A 195 2.10 -32.12 27.09
C LEU A 195 1.97 -33.57 26.67
N GLU A 196 2.44 -34.48 27.53
CA GLU A 196 2.25 -35.91 27.34
C GLU A 196 0.76 -36.25 27.35
N ILE A 197 0.40 -37.28 26.59
CA ILE A 197 -0.99 -37.49 26.15
C ILE A 197 -1.98 -37.57 27.32
N GLY A 198 -1.54 -38.05 28.48
CA GLY A 198 -2.37 -38.08 29.67
C GLY A 198 -2.58 -36.74 30.36
N GLN A 199 -1.52 -35.93 30.47
CA GLN A 199 -1.69 -34.55 30.93
C GLN A 199 -2.55 -33.76 29.94
N HIS A 200 -2.23 -33.87 28.64
CA HIS A 200 -3.00 -33.18 27.60
C HIS A 200 -4.47 -33.58 27.63
N ARG A 201 -4.76 -34.89 27.68
CA ARG A 201 -6.17 -35.32 27.66
C ARG A 201 -6.91 -34.88 28.92
N THR A 202 -6.18 -34.69 30.02
CA THR A 202 -6.78 -34.19 31.26
C THR A 202 -7.07 -32.70 31.15
N LYS A 203 -6.11 -31.93 30.64
CA LYS A 203 -6.32 -30.50 30.45
C LYS A 203 -7.50 -30.25 29.51
N ILE A 204 -7.60 -30.99 28.40
CA ILE A 204 -8.75 -30.84 27.51
C ILE A 204 -10.05 -31.05 28.28
N GLU A 205 -10.05 -32.03 29.19
CA GLU A 205 -11.23 -32.27 30.00
C GLU A 205 -11.52 -31.11 30.95
N GLU A 206 -10.49 -30.43 31.47
CA GLU A 206 -10.73 -29.24 32.28
C GLU A 206 -11.39 -28.14 31.46
N LEU A 207 -10.87 -27.94 30.26
CA LEU A 207 -11.39 -26.91 29.36
C LEU A 207 -12.86 -27.13 29.07
N ARG A 208 -13.23 -28.32 28.58
CA ARG A 208 -14.64 -28.59 28.29
C ARG A 208 -15.52 -28.39 29.52
N GLN A 209 -15.01 -28.71 30.71
CA GLN A 209 -15.78 -28.46 31.92
C GLN A 209 -15.88 -26.97 32.21
N HIS A 210 -14.80 -26.22 31.98
CA HIS A 210 -14.90 -24.77 32.07
C HIS A 210 -15.97 -24.22 31.13
N LEU A 211 -15.89 -24.58 29.83
CA LEU A 211 -16.81 -24.00 28.84
C LEU A 211 -18.27 -24.36 29.13
N LEU A 212 -18.51 -25.53 29.72
CA LEU A 212 -19.88 -25.91 30.01
C LEU A 212 -20.46 -25.13 31.19
N ARG A 213 -19.61 -24.58 32.07
CA ARG A 213 -20.08 -23.70 33.13
C ARG A 213 -20.51 -22.34 32.61
N TRP A 214 -20.16 -22.02 31.36
CA TRP A 214 -20.65 -20.81 30.71
C TRP A 214 -21.72 -21.10 29.68
N GLY A 215 -22.14 -22.36 29.52
CA GLY A 215 -23.25 -22.69 28.67
C GLY A 215 -22.89 -23.19 27.30
N LEU A 216 -21.67 -23.67 27.10
CA LEU A 216 -21.14 -23.97 25.77
C LEU A 216 -20.83 -25.46 25.66
N THR A 217 -21.68 -26.19 24.94
CA THR A 217 -21.49 -27.61 24.68
C THR A 217 -20.23 -27.84 23.86
N THR A 218 -19.54 -28.92 24.14
CA THR A 218 -18.43 -29.36 23.31
C THR A 218 -18.53 -30.86 23.07
N PRO A 219 -17.94 -31.36 21.99
CA PRO A 219 -18.05 -32.79 21.70
C PRO A 219 -17.26 -33.62 22.70
N ASP A 220 -17.81 -34.78 23.02
CA ASP A 220 -17.15 -35.77 23.86
C ASP A 220 -16.01 -36.43 23.09
N LYS A 221 -15.06 -37.04 23.82
CA LYS A 221 -13.92 -37.67 23.17
C LYS A 221 -14.33 -38.79 22.22
N LYS A 222 -15.52 -39.37 22.42
CA LYS A 222 -16.07 -40.25 21.40
C LYS A 222 -16.31 -39.51 20.09
N HIS A 223 -16.42 -38.17 20.14
CA HIS A 223 -16.60 -37.32 18.96
C HIS A 223 -15.40 -36.44 18.61
N GLN A 224 -14.39 -36.33 19.49
CA GLN A 224 -13.17 -35.57 19.19
C GLN A 224 -12.56 -36.05 17.88
N LYS A 225 -12.38 -35.12 16.94
CA LYS A 225 -11.83 -35.49 15.64
C LYS A 225 -10.38 -35.95 15.79
N GLU A 226 -9.84 -36.53 14.72
CA GLU A 226 -8.50 -37.10 14.75
C GLU A 226 -7.80 -36.81 13.45
N PRO A 227 -6.47 -36.77 13.46
CA PRO A 227 -5.73 -36.45 12.24
C PRO A 227 -5.87 -37.57 11.21
N PRO A 228 -5.79 -37.25 9.92
CA PRO A 228 -5.52 -35.94 9.30
C PRO A 228 -6.69 -34.97 9.47
N PHE A 229 -6.44 -33.65 9.40
CA PHE A 229 -7.47 -32.64 9.57
C PHE A 229 -7.76 -31.97 8.23
N LEU A 230 -9.02 -31.97 7.84
CA LEU A 230 -9.49 -31.35 6.60
C LEU A 230 -10.05 -30.00 6.98
N TRP A 231 -9.20 -28.98 6.93
CA TRP A 231 -9.57 -27.65 7.41
C TRP A 231 -9.30 -26.62 6.33
N MET A 232 -10.32 -25.84 6.00
CA MET A 232 -10.17 -24.75 5.00
C MET A 232 -9.41 -25.25 3.78
N GLY A 233 -9.88 -26.35 3.19
CA GLY A 233 -9.20 -26.87 2.02
C GLY A 233 -7.75 -27.24 2.24
N TYR A 234 -7.42 -27.80 3.39
CA TYR A 234 -6.07 -28.25 3.68
C TYR A 234 -6.11 -29.69 4.16
N GLU A 235 -4.93 -30.30 4.22
CA GLU A 235 -4.71 -31.54 4.94
C GLU A 235 -3.66 -31.25 6.01
N LEU A 236 -4.12 -31.24 7.26
CA LEU A 236 -3.26 -30.97 8.41
C LEU A 236 -2.87 -32.31 8.99
N HIS A 237 -1.61 -32.68 8.83
CA HIS A 237 -0.99 -33.91 9.29
C HIS A 237 -0.05 -33.62 10.43
N PRO A 238 0.04 -34.51 11.38
CA PRO A 238 0.91 -34.32 12.55
C PRO A 238 2.35 -33.86 12.29
N ASP A 239 2.89 -34.07 11.09
CA ASP A 239 4.21 -33.52 10.80
C ASP A 239 4.32 -32.80 9.47
N LYS A 240 3.21 -32.65 8.75
CA LYS A 240 3.27 -32.14 7.39
C LYS A 240 1.89 -31.58 7.05
N TRP A 241 1.87 -30.63 6.10
CA TRP A 241 0.61 -30.06 5.63
C TRP A 241 0.65 -30.13 4.11
N THR A 242 -0.53 -30.17 3.50
CA THR A 242 -0.71 -30.08 2.05
C THR A 242 -2.16 -29.67 1.80
N VAL A 243 -2.44 -29.27 0.56
CA VAL A 243 -3.79 -28.92 0.13
C VAL A 243 -4.61 -30.19 -0.05
N GLN A 244 -5.95 -30.04 -0.18
CA GLN A 244 -6.79 -31.18 -0.53
C GLN A 244 -6.39 -31.72 -1.90
N PRO A 245 -6.78 -32.95 -2.20
CA PRO A 245 -6.61 -33.45 -3.56
C PRO A 245 -7.24 -32.50 -4.55
N ILE A 246 -6.45 -32.13 -5.57
CA ILE A 246 -6.92 -31.24 -6.65
C ILE A 246 -7.47 -32.11 -7.76
N VAL A 247 -8.55 -31.66 -8.40
CA VAL A 247 -9.17 -32.40 -9.50
C VAL A 247 -9.32 -31.45 -10.68
N LEU A 248 -8.57 -31.70 -11.76
CA LEU A 248 -8.64 -30.91 -12.97
C LEU A 248 -9.55 -31.62 -13.97
N PRO A 249 -10.72 -31.07 -14.31
CA PRO A 249 -11.66 -31.80 -15.17
C PRO A 249 -11.17 -31.92 -16.61
N GLU A 250 -11.67 -32.95 -17.30
CA GLU A 250 -11.34 -33.18 -18.71
C GLU A 250 -12.59 -32.97 -19.56
N LYS A 251 -12.69 -31.80 -20.17
CA LYS A 251 -13.82 -31.44 -21.02
C LYS A 251 -13.33 -31.13 -22.42
N ASP A 252 -14.23 -31.30 -23.39
CA ASP A 252 -13.94 -30.95 -24.78
C ASP A 252 -14.03 -29.44 -24.99
N SER A 253 -15.23 -28.88 -24.79
CA SER A 253 -15.42 -27.45 -24.76
C SER A 253 -15.09 -26.91 -23.38
N TRP A 254 -14.86 -25.60 -23.29
CA TRP A 254 -14.55 -24.96 -22.02
C TRP A 254 -15.33 -23.66 -21.90
N THR A 255 -16.12 -23.55 -20.82
CA THR A 255 -16.88 -22.35 -20.51
C THR A 255 -15.97 -21.27 -19.92
N VAL A 256 -16.37 -20.01 -20.06
CA VAL A 256 -15.64 -18.95 -19.36
C VAL A 256 -15.72 -19.16 -17.86
N ASN A 257 -16.86 -19.66 -17.40
CA ASN A 257 -16.96 -20.12 -16.02
C ASN A 257 -15.95 -21.24 -15.75
N ASP A 258 -15.96 -22.28 -16.59
CA ASP A 258 -15.10 -23.45 -16.38
C ASP A 258 -13.61 -23.09 -16.28
N ILE A 259 -13.16 -22.11 -17.09
CA ILE A 259 -11.77 -21.67 -17.02
C ILE A 259 -11.47 -20.97 -15.71
N GLN A 260 -12.43 -20.19 -15.20
CA GLN A 260 -12.23 -19.53 -13.91
C GLN A 260 -12.04 -20.57 -12.81
N LYS A 261 -12.88 -21.60 -12.78
CA LYS A 261 -12.78 -22.60 -11.71
C LYS A 261 -11.51 -23.44 -11.79
N LEU A 262 -10.82 -23.45 -12.94
CA LEU A 262 -9.56 -24.18 -13.10
C LEU A 262 -8.35 -23.34 -12.70
N VAL A 263 -8.28 -22.09 -13.18
CA VAL A 263 -7.24 -21.20 -12.68
C VAL A 263 -7.38 -21.02 -11.18
N GLY A 264 -8.56 -21.25 -10.63
CA GLY A 264 -8.75 -21.29 -9.21
C GLY A 264 -7.96 -22.42 -8.58
N LYS A 265 -8.35 -23.66 -8.89
CA LYS A 265 -7.69 -24.84 -8.32
C LYS A 265 -6.19 -24.80 -8.54
N LEU A 266 -5.74 -24.20 -9.65
CA LEU A 266 -4.32 -24.21 -9.98
C LEU A 266 -3.54 -23.22 -9.11
N ASN A 267 -4.08 -22.02 -8.91
CA ASN A 267 -3.43 -21.05 -8.04
C ASN A 267 -3.38 -21.58 -6.61
N TRP A 268 -4.48 -22.17 -6.14
CA TRP A 268 -4.49 -22.78 -4.82
C TRP A 268 -3.33 -23.75 -4.63
N ALA A 269 -3.07 -24.60 -5.64
CA ALA A 269 -2.06 -25.64 -5.47
C ALA A 269 -0.64 -25.07 -5.50
N SER A 270 -0.45 -23.85 -6.01
CA SER A 270 0.90 -23.31 -6.12
C SER A 270 1.53 -22.98 -4.76
N GLN A 271 0.74 -22.96 -3.67
CA GLN A 271 1.29 -22.81 -2.32
C GLN A 271 2.40 -23.81 -2.06
N ILE A 272 2.21 -25.06 -2.52
CA ILE A 272 3.09 -26.18 -2.15
C ILE A 272 3.66 -26.98 -3.33
N TYR A 273 2.84 -27.31 -4.35
CA TYR A 273 3.37 -27.97 -5.55
C TYR A 273 4.20 -26.99 -6.37
N PRO A 274 5.51 -27.13 -6.42
CA PRO A 274 6.31 -26.16 -7.17
C PRO A 274 6.19 -26.40 -8.68
N GLY A 275 6.24 -25.28 -9.42
CA GLY A 275 6.25 -25.29 -10.86
C GLY A 275 4.95 -24.90 -11.53
N ILE A 276 3.85 -24.83 -10.80
CA ILE A 276 2.57 -24.49 -11.44
C ILE A 276 2.72 -23.22 -12.26
N LYS A 277 2.22 -23.25 -13.49
CA LYS A 277 2.23 -22.09 -14.38
C LYS A 277 0.80 -21.79 -14.80
N VAL A 278 0.42 -20.51 -14.76
CA VAL A 278 -0.97 -20.14 -15.01
C VAL A 278 -1.07 -18.95 -15.97
N ARG A 279 0.00 -18.66 -16.72
CA ARG A 279 0.00 -17.49 -17.62
C ARG A 279 -0.96 -17.67 -18.79
N GLN A 280 -0.74 -18.69 -19.63
CA GLN A 280 -1.52 -18.84 -20.86
C GLN A 280 -2.98 -19.15 -20.57
N LEU A 281 -3.28 -19.79 -19.43
CA LEU A 281 -4.65 -20.17 -19.12
C LEU A 281 -5.52 -18.94 -18.84
N SER A 282 -4.96 -17.94 -18.17
CA SER A 282 -5.71 -16.72 -17.88
C SER A 282 -5.59 -15.68 -18.98
N LYS A 283 -4.56 -15.78 -19.84
CA LYS A 283 -4.59 -15.06 -21.10
C LYS A 283 -5.86 -15.38 -21.85
N LEU A 284 -6.28 -16.64 -21.81
CA LEU A 284 -7.56 -16.99 -22.46
C LEU A 284 -8.68 -16.22 -21.75
N LEU A 285 -8.58 -16.03 -20.43
CA LEU A 285 -9.69 -15.40 -19.67
C LEU A 285 -9.71 -13.89 -19.92
N ARG A 286 -8.76 -13.36 -20.68
CA ARG A 286 -8.70 -11.88 -20.91
C ARG A 286 -9.93 -11.46 -21.72
N GLY A 287 -10.75 -12.41 -22.14
CA GLY A 287 -11.98 -12.09 -22.90
C GLY A 287 -12.91 -11.22 -22.08
N THR A 288 -12.92 -11.39 -20.76
CA THR A 288 -13.76 -10.54 -19.88
C THR A 288 -15.22 -10.55 -20.33
N LYS A 289 -15.60 -11.47 -21.23
CA LYS A 289 -17.01 -11.56 -21.59
C LYS A 289 -17.79 -12.32 -20.52
N ALA A 290 -19.11 -12.37 -20.68
CA ALA A 290 -19.97 -13.01 -19.70
C ALA A 290 -19.72 -14.52 -19.71
N LEU A 291 -20.34 -15.21 -18.75
CA LEU A 291 -19.81 -16.46 -18.21
C LEU A 291 -20.58 -17.70 -18.66
N THR A 292 -20.97 -17.75 -19.93
CA THR A 292 -21.32 -19.03 -20.53
C THR A 292 -20.64 -19.31 -21.86
N GLU A 293 -20.04 -18.31 -22.51
CA GLU A 293 -19.41 -18.50 -23.82
C GLU A 293 -18.33 -19.57 -23.77
N VAL A 294 -18.33 -20.47 -24.76
CA VAL A 294 -17.32 -21.53 -24.83
C VAL A 294 -16.07 -20.97 -25.48
N ILE A 295 -15.12 -20.52 -24.67
CA ILE A 295 -13.87 -19.97 -25.21
C ILE A 295 -13.04 -21.12 -25.81
N PRO A 296 -12.50 -20.98 -27.01
CA PRO A 296 -11.64 -22.02 -27.56
C PRO A 296 -10.27 -21.97 -26.90
N LEU A 297 -9.61 -23.12 -26.88
CA LEU A 297 -8.31 -23.23 -26.24
C LEU A 297 -7.20 -22.96 -27.22
N THR A 298 -6.11 -22.40 -26.72
CA THR A 298 -4.94 -22.22 -27.56
C THR A 298 -4.02 -23.43 -27.42
N GLU A 299 -3.00 -23.49 -28.29
CA GLU A 299 -2.04 -24.58 -28.19
C GLU A 299 -1.15 -24.41 -26.96
N GLU A 300 -0.71 -23.19 -26.67
CA GLU A 300 0.13 -22.94 -25.50
C GLU A 300 -0.63 -23.19 -24.21
N ALA A 301 -1.90 -22.80 -24.16
CA ALA A 301 -2.76 -23.14 -23.03
C ALA A 301 -2.91 -24.64 -22.89
N GLU A 302 -3.11 -25.35 -24.00
CA GLU A 302 -3.22 -26.81 -23.94
C GLU A 302 -1.92 -27.46 -23.47
N LEU A 303 -0.77 -26.84 -23.77
CA LEU A 303 0.52 -27.35 -23.29
C LEU A 303 0.69 -27.08 -21.81
N GLU A 304 0.41 -25.85 -21.35
CA GLU A 304 0.60 -25.50 -19.95
C GLU A 304 -0.21 -26.43 -19.05
N LEU A 305 -1.47 -26.65 -19.40
CA LEU A 305 -2.31 -27.54 -18.60
C LEU A 305 -1.73 -28.96 -18.55
N ALA A 306 -1.26 -29.46 -19.70
CA ALA A 306 -0.56 -30.74 -19.69
C ALA A 306 0.55 -30.74 -18.66
N GLU A 307 1.40 -29.71 -18.66
CA GLU A 307 2.53 -29.64 -17.73
C GLU A 307 2.05 -29.60 -16.28
N ASN A 308 0.95 -28.89 -16.00
CA ASN A 308 0.41 -28.85 -14.63
C ASN A 308 -0.09 -30.23 -14.20
N ARG A 309 -0.69 -30.99 -15.13
CA ARG A 309 -1.11 -32.36 -14.81
C ARG A 309 0.07 -33.23 -14.42
N GLU A 310 1.25 -32.96 -14.98
CA GLU A 310 2.43 -33.75 -14.65
C GLU A 310 3.04 -33.41 -13.28
N ILE A 311 2.82 -32.19 -12.78
CA ILE A 311 3.24 -31.84 -11.42
C ILE A 311 2.29 -32.44 -10.40
N LEU A 312 0.99 -32.28 -10.66
CA LEU A 312 -0.08 -32.78 -9.83
C LEU A 312 -0.22 -34.30 -9.85
N LYS A 313 0.44 -35.02 -10.77
CA LYS A 313 0.35 -36.48 -10.77
C LYS A 313 0.77 -37.03 -9.41
N GLU A 314 1.95 -36.65 -8.94
CA GLU A 314 2.43 -37.12 -7.65
C GLU A 314 2.00 -36.15 -6.53
N PRO A 315 1.91 -36.63 -5.25
CA PRO A 315 1.61 -35.69 -4.14
C PRO A 315 2.85 -35.15 -3.43
N VAL A 316 2.81 -33.88 -2.98
CA VAL A 316 3.95 -33.23 -2.34
C VAL A 316 3.49 -32.59 -1.04
N HIS A 317 4.45 -32.31 -0.14
CA HIS A 317 4.11 -31.92 1.23
C HIS A 317 4.97 -30.76 1.71
N GLY A 318 4.46 -30.08 2.76
CA GLY A 318 5.20 -29.01 3.41
C GLY A 318 5.42 -29.25 4.90
N VAL A 319 6.60 -28.80 5.36
CA VAL A 319 6.95 -28.74 6.78
C VAL A 319 6.30 -27.54 7.47
N TYR A 320 6.32 -27.57 8.81
CA TYR A 320 5.89 -26.48 9.68
C TYR A 320 7.10 -25.62 10.05
N TYR A 321 6.83 -24.56 10.81
CA TYR A 321 7.83 -23.55 11.11
C TYR A 321 8.58 -23.93 12.36
N ASP A 322 9.87 -23.62 12.38
CA ASP A 322 10.67 -23.71 13.59
C ASP A 322 11.39 -22.40 13.88
N PRO A 323 11.00 -21.70 14.94
CA PRO A 323 11.55 -20.37 15.21
C PRO A 323 13.05 -20.32 15.48
N SER A 324 13.69 -21.44 15.78
CA SER A 324 15.12 -21.46 16.02
C SER A 324 15.96 -21.52 14.75
N LYS A 325 15.33 -21.82 13.61
CA LYS A 325 16.01 -22.00 12.34
C LYS A 325 15.86 -20.74 11.48
N ASP A 326 16.79 -20.54 10.57
CA ASP A 326 16.74 -19.39 9.68
C ASP A 326 15.59 -19.54 8.70
N LEU A 327 15.23 -18.41 8.07
CA LEU A 327 14.24 -18.38 7.00
C LEU A 327 14.93 -18.03 5.68
N ILE A 328 14.77 -18.90 4.68
CA ILE A 328 15.41 -18.73 3.38
C ILE A 328 14.36 -18.91 2.28
N ALA A 329 14.36 -17.98 1.32
CA ALA A 329 13.54 -18.07 0.12
C ALA A 329 14.44 -18.06 -1.12
N GLU A 330 14.05 -18.86 -2.12
CA GLU A 330 14.75 -18.98 -3.39
C GLU A 330 13.82 -18.67 -4.57
N ILE A 331 14.40 -18.07 -5.62
CA ILE A 331 13.67 -17.62 -6.81
C ILE A 331 14.36 -18.16 -8.06
N GLN A 332 13.59 -18.77 -8.96
CA GLN A 332 14.13 -19.24 -10.23
C GLN A 332 13.27 -18.72 -11.38
N LYS A 333 13.90 -18.37 -12.51
CA LYS A 333 13.12 -17.87 -13.64
C LYS A 333 12.42 -19.00 -14.37
N GLN A 334 11.28 -18.68 -14.98
CA GLN A 334 10.62 -19.57 -15.94
C GLN A 334 10.33 -18.88 -17.27
N GLY A 335 11.03 -17.79 -17.58
CA GLY A 335 11.16 -17.38 -18.95
C GLY A 335 10.03 -16.57 -19.57
N GLN A 336 8.78 -16.91 -19.25
CA GLN A 336 7.64 -16.29 -19.92
C GLN A 336 7.09 -15.08 -19.16
N GLY A 337 7.96 -14.33 -18.48
CA GLY A 337 7.49 -13.35 -17.51
C GLY A 337 7.00 -14.00 -16.25
N GLN A 338 7.39 -15.25 -16.01
CA GLN A 338 6.88 -16.10 -14.95
C GLN A 338 8.03 -16.48 -14.04
N TRP A 339 7.83 -16.32 -12.74
CA TRP A 339 8.84 -16.58 -11.73
C TRP A 339 8.23 -17.46 -10.65
N THR A 340 9.12 -18.08 -9.87
CA THR A 340 8.72 -19.12 -8.95
C THR A 340 9.65 -19.11 -7.74
N TYR A 341 9.10 -19.41 -6.57
CA TYR A 341 9.87 -19.33 -5.35
C TYR A 341 9.46 -20.42 -4.38
N GLN A 342 10.43 -20.88 -3.59
CA GLN A 342 10.18 -21.81 -2.49
C GLN A 342 10.78 -21.23 -1.22
N ILE A 343 10.07 -21.38 -0.10
CA ILE A 343 10.50 -20.88 1.21
C ILE A 343 10.70 -22.08 2.13
N TYR A 344 11.91 -22.19 2.68
CA TYR A 344 12.28 -23.39 3.41
C TYR A 344 13.24 -23.00 4.51
N GLN A 345 13.30 -23.84 5.53
CA GLN A 345 14.40 -23.82 6.47
C GLN A 345 15.33 -25.00 6.29
N GLU A 346 14.87 -26.08 5.66
CA GLU A 346 15.60 -27.31 5.35
C GLU A 346 15.52 -27.66 3.87
N PRO A 347 16.61 -28.15 3.27
CA PRO A 347 16.70 -28.16 1.80
C PRO A 347 15.88 -29.26 1.12
N PHE A 348 15.34 -30.23 1.85
CA PHE A 348 14.47 -31.22 1.21
C PHE A 348 12.99 -31.00 1.47
N LYS A 349 12.65 -30.09 2.37
CA LYS A 349 11.26 -29.86 2.73
C LYS A 349 11.00 -28.36 2.75
N ASN A 350 10.10 -27.88 1.87
CA ASN A 350 9.70 -26.48 1.81
C ASN A 350 8.73 -26.13 2.92
N LEU A 351 8.77 -24.86 3.37
CA LEU A 351 7.66 -24.35 4.18
C LEU A 351 6.45 -24.08 3.31
N LYS A 352 6.64 -23.33 2.21
CA LYS A 352 5.65 -23.17 1.13
C LYS A 352 6.36 -22.71 -0.15
N THR A 353 5.58 -22.65 -1.24
CA THR A 353 6.04 -22.26 -2.58
C THR A 353 5.04 -21.27 -3.19
N GLY A 354 5.38 -20.75 -4.36
CA GLY A 354 4.53 -19.77 -5.03
C GLY A 354 5.20 -19.14 -6.24
N LYS A 355 4.36 -18.39 -6.96
CA LYS A 355 4.85 -17.81 -8.22
C LYS A 355 4.49 -16.33 -8.30
N TYR A 356 5.16 -15.61 -9.18
CA TYR A 356 4.91 -14.20 -9.45
C TYR A 356 4.89 -13.93 -10.95
N ALA A 357 3.93 -13.13 -11.42
CA ALA A 357 3.89 -12.72 -12.83
C ALA A 357 3.65 -11.22 -12.98
N ARG A 358 4.45 -10.55 -13.82
CA ARG A 358 4.28 -9.12 -14.07
C ARG A 358 3.23 -8.94 -15.17
N MET A 359 1.98 -9.16 -14.80
CA MET A 359 0.86 -8.88 -15.67
C MET A 359 0.36 -7.46 -15.49
N ARG A 360 1.27 -6.54 -15.18
CA ARG A 360 1.01 -5.11 -15.11
C ARG A 360 2.13 -4.39 -15.86
N GLY A 361 1.77 -3.61 -16.88
CA GLY A 361 2.77 -3.00 -17.76
C GLY A 361 3.04 -3.77 -19.03
N ALA A 362 3.21 -3.09 -20.17
CA ALA A 362 3.35 -3.75 -21.47
C ALA A 362 4.81 -4.12 -21.78
N HIS A 363 5.76 -3.37 -21.24
CA HIS A 363 7.19 -3.64 -21.43
C HIS A 363 7.83 -3.70 -20.07
N THR A 364 8.71 -4.70 -19.89
CA THR A 364 9.45 -4.82 -18.64
C THR A 364 10.79 -5.46 -18.93
N ASN A 365 11.61 -5.58 -17.90
CA ASN A 365 12.84 -6.32 -18.03
C ASN A 365 12.99 -7.28 -16.84
N ASP A 366 13.99 -8.16 -16.93
CA ASP A 366 14.12 -9.24 -15.97
C ASP A 366 14.53 -8.75 -14.59
N VAL A 367 15.49 -7.83 -14.52
CA VAL A 367 15.93 -7.36 -13.22
C VAL A 367 14.77 -6.70 -12.46
N LYS A 368 14.00 -5.86 -13.15
CA LYS A 368 12.85 -5.23 -12.50
C LYS A 368 11.83 -6.26 -12.04
N GLN A 369 11.60 -7.30 -12.84
CA GLN A 369 10.67 -8.34 -12.41
C GLN A 369 11.23 -9.11 -11.23
N LEU A 370 12.53 -9.39 -11.25
CA LEU A 370 13.16 -10.03 -10.10
C LEU A 370 12.94 -9.22 -8.83
N THR A 371 13.14 -7.90 -8.93
CA THR A 371 12.93 -7.05 -7.76
C THR A 371 11.48 -7.11 -7.29
N GLU A 372 10.53 -7.04 -8.23
CA GLU A 372 9.14 -7.14 -7.83
C GLU A 372 8.84 -8.47 -7.16
N ALA A 373 9.55 -9.54 -7.53
CA ALA A 373 9.32 -10.83 -6.87
C ALA A 373 9.81 -10.81 -5.43
N VAL A 374 11.06 -10.34 -5.21
CA VAL A 374 11.60 -10.12 -3.87
C VAL A 374 10.60 -9.34 -3.02
N GLN A 375 9.94 -8.35 -3.64
CA GLN A 375 8.97 -7.54 -2.92
C GLN A 375 7.73 -8.34 -2.53
N LYS A 376 7.22 -9.19 -3.43
CA LYS A 376 6.06 -10.00 -3.09
C LYS A 376 6.39 -10.90 -1.93
N ILE A 377 7.60 -11.43 -1.95
CA ILE A 377 8.01 -12.42 -0.98
C ILE A 377 8.15 -11.77 0.39
N THR A 378 8.72 -10.57 0.43
CA THR A 378 8.91 -9.88 1.69
C THR A 378 7.58 -9.53 2.35
N THR A 379 6.60 -9.09 1.58
CA THR A 379 5.28 -8.84 2.17
C THR A 379 4.69 -10.10 2.79
N GLU A 380 4.86 -11.24 2.11
CA GLU A 380 4.21 -12.49 2.53
C GLU A 380 4.93 -13.11 3.73
N SER A 381 6.26 -12.99 3.79
CA SER A 381 6.96 -13.47 4.97
C SER A 381 6.53 -12.72 6.22
N ILE A 382 6.36 -11.40 6.09
CA ILE A 382 5.93 -10.62 7.24
C ILE A 382 4.56 -11.08 7.71
N VAL A 383 3.63 -11.29 6.79
CA VAL A 383 2.29 -11.72 7.20
C VAL A 383 2.35 -13.02 7.99
N ILE A 384 3.13 -14.00 7.51
CA ILE A 384 3.04 -15.40 7.97
C ILE A 384 3.99 -15.68 9.15
N TRP A 385 5.22 -15.17 9.11
CA TRP A 385 6.20 -15.46 10.15
C TRP A 385 6.69 -14.23 10.92
N GLY A 386 6.19 -13.04 10.64
CA GLY A 386 6.66 -11.93 11.44
C GLY A 386 8.08 -11.46 11.17
N LYS A 387 8.73 -11.99 10.12
CA LYS A 387 10.10 -11.58 9.78
C LYS A 387 10.28 -11.58 8.26
N THR A 388 11.46 -11.14 7.82
CA THR A 388 11.74 -11.28 6.41
C THR A 388 12.81 -12.34 6.21
N PRO A 389 12.84 -12.99 5.04
CA PRO A 389 13.81 -14.06 4.80
C PRO A 389 15.15 -13.53 4.31
N LYS A 390 16.12 -14.43 4.30
CA LYS A 390 17.39 -14.24 3.61
C LYS A 390 17.22 -14.80 2.20
N PHE A 391 17.68 -14.05 1.21
CA PHE A 391 17.35 -14.37 -0.18
C PHE A 391 18.49 -15.14 -0.85
N LYS A 392 18.15 -16.21 -1.55
CA LYS A 392 19.06 -16.94 -2.44
C LYS A 392 18.67 -16.60 -3.88
N LEU A 393 19.52 -15.81 -4.56
CA LEU A 393 19.09 -15.10 -5.77
C LEU A 393 19.97 -15.36 -6.99
N PRO A 394 19.38 -15.72 -8.12
CA PRO A 394 20.11 -16.00 -9.38
C PRO A 394 20.50 -14.76 -10.16
N ILE A 395 21.36 -13.92 -9.58
CA ILE A 395 21.80 -12.69 -10.21
C ILE A 395 23.09 -12.27 -9.51
N GLN A 396 23.88 -11.43 -10.17
CA GLN A 396 25.19 -11.10 -9.62
C GLN A 396 25.25 -9.64 -9.20
N LYS A 397 26.15 -9.34 -8.26
CA LYS A 397 26.20 -8.01 -7.68
C LYS A 397 26.44 -6.94 -8.74
N GLU A 398 27.40 -7.16 -9.63
CA GLU A 398 27.70 -6.13 -10.62
C GLU A 398 26.49 -5.88 -11.53
N THR A 399 25.70 -6.92 -11.83
CA THR A 399 24.48 -6.73 -12.60
C THR A 399 23.54 -5.76 -11.90
N TRP A 400 23.22 -6.02 -10.62
CA TRP A 400 22.18 -5.30 -9.87
C TRP A 400 22.62 -3.89 -9.46
N GLU A 401 23.85 -3.75 -8.95
CA GLU A 401 24.39 -2.42 -8.70
C GLU A 401 24.19 -1.53 -9.91
N THR A 402 24.37 -2.07 -11.12
CA THR A 402 24.31 -1.23 -12.31
C THR A 402 22.88 -0.79 -12.59
N TRP A 403 21.92 -1.72 -12.51
CA TRP A 403 20.54 -1.36 -12.79
C TRP A 403 19.98 -0.37 -11.77
N TRP A 404 20.11 -0.66 -10.46
CA TRP A 404 19.51 0.21 -9.46
C TRP A 404 20.27 1.52 -9.27
N THR A 405 21.49 1.65 -9.79
CA THR A 405 22.11 2.95 -9.86
C THR A 405 21.49 3.80 -10.95
N GLU A 406 21.21 3.19 -12.10
CA GLU A 406 20.72 3.90 -13.28
C GLU A 406 19.20 3.95 -13.36
N TYR A 407 18.48 3.38 -12.40
CA TYR A 407 17.03 3.35 -12.43
C TYR A 407 16.48 4.70 -11.96
N TRP A 408 15.25 5.01 -12.38
CA TRP A 408 14.60 6.24 -11.93
C TRP A 408 13.91 6.07 -10.56
N GLN A 409 13.17 4.99 -10.36
CA GLN A 409 12.59 4.75 -9.05
C GLN A 409 13.68 4.49 -8.01
N ALA A 410 13.37 4.78 -6.74
CA ALA A 410 14.14 4.24 -5.64
C ALA A 410 13.78 2.77 -5.46
N THR A 411 14.78 1.96 -5.13
CA THR A 411 14.61 0.53 -4.90
C THR A 411 15.37 0.16 -3.65
N TRP A 412 14.88 -0.86 -2.96
CA TRP A 412 15.49 -1.32 -1.72
C TRP A 412 15.80 -2.79 -1.87
N ILE A 413 17.07 -3.14 -1.70
CA ILE A 413 17.58 -4.46 -2.04
C ILE A 413 18.18 -5.10 -0.79
N PRO A 414 17.60 -6.18 -0.28
CA PRO A 414 18.11 -6.79 0.95
C PRO A 414 19.40 -7.55 0.69
N GLU A 415 20.04 -7.97 1.79
CA GLU A 415 21.21 -8.84 1.66
C GLU A 415 20.81 -10.13 0.97
N TRP A 416 21.56 -10.49 -0.06
CA TRP A 416 21.29 -11.68 -0.86
C TRP A 416 22.61 -12.29 -1.27
N GLU A 417 22.59 -13.62 -1.47
CA GLU A 417 23.75 -14.33 -1.98
C GLU A 417 23.40 -14.95 -3.33
N PHE A 418 24.40 -14.96 -4.21
CA PHE A 418 24.21 -15.35 -5.59
C PHE A 418 24.25 -16.87 -5.72
N VAL A 419 23.13 -17.50 -6.11
CA VAL A 419 23.09 -18.93 -6.42
C VAL A 419 23.28 -19.06 -7.93
N ASN A 420 24.31 -19.79 -8.33
CA ASN A 420 24.66 -19.93 -9.74
C ASN A 420 23.86 -21.08 -10.35
N THR A 421 22.62 -20.78 -10.72
CA THR A 421 21.76 -21.76 -11.39
C THR A 421 21.21 -21.11 -12.65
N PRO A 422 21.42 -21.71 -13.82
CA PRO A 422 20.79 -21.19 -15.02
C PRO A 422 19.29 -21.45 -15.00
N PRO A 423 18.50 -20.62 -15.71
CA PRO A 423 18.87 -19.39 -16.43
C PRO A 423 19.21 -18.23 -15.49
N LEU A 424 20.34 -17.54 -15.68
CA LEU A 424 20.69 -16.43 -14.80
C LEU A 424 19.83 -15.20 -15.10
N VAL A 425 20.12 -14.12 -14.36
CA VAL A 425 19.55 -12.82 -14.62
C VAL A 425 20.68 -11.86 -14.94
N LYS A 426 20.60 -11.23 -16.10
CA LYS A 426 21.66 -10.38 -16.62
C LYS A 426 21.02 -9.19 -17.30
N LEU A 427 21.85 -8.19 -17.60
CA LEU A 427 21.46 -7.11 -18.51
C LEU A 427 21.89 -7.50 -19.93
N TRP A 428 20.93 -7.52 -20.86
CA TRP A 428 21.20 -7.97 -22.23
C TRP A 428 21.70 -6.87 -23.16
N TYR A 429 21.84 -5.62 -22.69
CA TYR A 429 22.41 -4.53 -23.48
C TYR A 429 22.36 -3.27 -22.66
N GLN A 430 23.14 -2.29 -23.07
CA GLN A 430 23.09 -0.97 -22.43
C GLN A 430 23.28 0.10 -23.49
N LEU A 431 22.39 1.08 -23.48
CA LEU A 431 22.57 2.23 -24.34
C LEU A 431 23.79 3.03 -23.89
N GLU A 432 24.49 3.60 -24.87
CA GLU A 432 25.55 4.54 -24.55
C GLU A 432 24.93 5.79 -23.95
N LYS A 433 25.69 6.46 -23.08
CA LYS A 433 25.23 7.68 -22.45
C LYS A 433 25.79 8.95 -23.10
N GLU A 434 26.69 8.83 -24.06
CA GLU A 434 27.19 9.95 -24.85
C GLU A 434 27.35 9.53 -26.30
N PRO A 435 27.20 10.47 -27.26
CA PRO A 435 27.22 10.07 -28.68
C PRO A 435 28.55 9.42 -29.06
N ILE A 436 28.46 8.48 -30.02
CA ILE A 436 29.59 7.66 -30.45
C ILE A 436 30.32 8.35 -31.59
N VAL A 437 31.63 8.54 -31.45
CA VAL A 437 32.42 9.24 -32.45
C VAL A 437 32.92 8.21 -33.46
N GLY A 438 32.73 8.51 -34.74
CA GLY A 438 32.99 7.53 -35.78
C GLY A 438 31.86 6.57 -35.98
N ALA A 439 30.63 6.98 -35.72
CA ALA A 439 29.45 6.19 -36.03
C ALA A 439 28.51 7.04 -36.85
N GLU A 440 27.78 6.39 -37.75
CA GLU A 440 26.81 7.13 -38.54
C GLU A 440 25.74 7.73 -37.64
N THR A 441 25.04 8.71 -38.17
CA THR A 441 23.99 9.41 -37.44
C THR A 441 22.71 9.32 -38.28
N PHE A 442 21.78 8.45 -37.87
CA PHE A 442 20.49 8.34 -38.51
C PHE A 442 19.50 9.33 -37.91
N TYR A 443 18.88 10.13 -38.78
CA TYR A 443 17.82 11.05 -38.33
C TYR A 443 16.50 10.40 -38.72
N VAL A 444 15.97 9.55 -37.86
CA VAL A 444 14.71 8.84 -38.14
C VAL A 444 13.51 9.73 -37.88
N ASP A 445 12.45 9.51 -38.66
CA ASP A 445 11.12 9.93 -38.29
C ASP A 445 10.09 9.05 -38.97
N GLY A 446 8.85 9.22 -38.55
CA GLY A 446 7.76 8.39 -38.99
C GLY A 446 6.46 9.12 -38.76
N ALA A 447 5.42 8.67 -39.47
CA ALA A 447 4.16 9.40 -39.49
C ALA A 447 3.10 8.50 -40.08
N ALA A 448 1.86 8.72 -39.67
CA ALA A 448 0.74 7.91 -40.14
C ALA A 448 -0.54 8.74 -40.12
N ASN A 449 -1.55 8.25 -40.85
CA ASN A 449 -2.83 8.96 -41.00
C ASN A 449 -3.89 8.28 -40.16
N ARG A 450 -4.56 9.07 -39.29
CA ARG A 450 -5.46 8.52 -38.29
C ARG A 450 -6.70 7.87 -38.89
N GLU A 451 -7.09 8.26 -40.10
CA GLU A 451 -8.28 7.69 -40.77
C GLU A 451 -7.91 6.50 -41.66
N THR A 452 -7.06 6.75 -42.67
CA THR A 452 -6.63 5.67 -43.56
C THR A 452 -5.82 4.63 -42.83
N LYS A 453 -5.02 5.06 -41.85
CA LYS A 453 -4.09 4.17 -41.15
C LYS A 453 -3.10 3.54 -42.13
N LEU A 454 -2.44 4.39 -42.93
CA LEU A 454 -1.39 3.96 -43.84
C LEU A 454 0.02 4.29 -43.34
N GLY A 455 0.36 5.58 -43.22
CA GLY A 455 1.66 5.93 -42.66
C GLY A 455 2.96 5.42 -43.30
N LYS A 456 4.10 5.85 -42.74
CA LYS A 456 5.40 5.50 -43.30
C LYS A 456 6.52 5.81 -42.32
N ALA A 457 7.68 5.22 -42.59
CA ALA A 457 8.89 5.38 -41.79
C ALA A 457 10.09 5.58 -42.69
N GLY A 458 11.01 6.46 -42.30
CA GLY A 458 12.28 6.60 -42.99
C GLY A 458 13.40 7.14 -42.12
N TYR A 459 14.58 7.24 -42.70
CA TYR A 459 15.69 7.92 -42.04
C TYR A 459 16.48 8.71 -43.09
N VAL A 460 17.35 9.58 -42.60
CA VAL A 460 18.31 10.30 -43.41
C VAL A 460 19.61 10.31 -42.62
N THR A 461 20.72 9.93 -43.24
CA THR A 461 21.94 9.92 -42.46
C THR A 461 22.89 11.00 -42.95
N ASN A 462 23.85 11.33 -42.08
CA ASN A 462 24.87 12.35 -42.36
C ASN A 462 25.75 11.96 -43.54
N LYS A 463 25.89 10.66 -43.80
CA LYS A 463 26.58 10.16 -44.98
C LYS A 463 25.72 10.23 -46.25
N GLY A 464 24.64 11.00 -46.28
CA GLY A 464 23.85 11.13 -47.48
C GLY A 464 22.90 9.99 -47.79
N ARG A 465 22.89 8.92 -46.97
CA ARG A 465 21.98 7.79 -47.16
C ARG A 465 20.56 8.14 -46.75
N GLN A 466 19.58 7.50 -47.41
CA GLN A 466 18.17 7.85 -47.25
C GLN A 466 17.29 6.66 -47.58
N LYS A 467 16.31 6.37 -46.72
CA LYS A 467 15.33 5.33 -47.00
C LYS A 467 13.96 5.83 -46.60
N VAL A 468 12.95 5.23 -47.22
CA VAL A 468 11.55 5.44 -46.87
C VAL A 468 10.83 4.14 -47.13
N VAL A 469 10.04 3.68 -46.16
CA VAL A 469 9.33 2.42 -46.23
C VAL A 469 7.85 2.70 -46.01
N PRO A 470 6.96 2.18 -46.85
CA PRO A 470 5.54 2.34 -46.60
C PRO A 470 5.01 1.27 -45.65
N LEU A 471 4.00 1.67 -44.87
CA LEU A 471 3.36 0.79 -43.90
C LEU A 471 1.85 0.78 -44.12
N THR A 472 1.21 -0.29 -43.71
CA THR A 472 -0.24 -0.35 -43.69
C THR A 472 -0.69 -0.74 -42.29
N ASN A 473 -1.85 -0.24 -41.89
CA ASN A 473 -2.47 -0.64 -40.63
C ASN A 473 -1.58 -0.27 -39.44
N THR A 474 -1.32 1.04 -39.27
CA THR A 474 -0.38 1.49 -38.25
C THR A 474 -0.92 2.74 -37.59
N THR A 475 -0.04 3.36 -36.79
CA THR A 475 -0.34 4.51 -35.95
C THR A 475 0.94 5.30 -35.75
N ASN A 476 0.80 6.57 -35.38
CA ASN A 476 1.99 7.38 -35.17
C ASN A 476 2.91 6.75 -34.13
N GLN A 477 2.34 5.95 -33.24
CA GLN A 477 3.14 5.20 -32.30
C GLN A 477 3.87 4.05 -33.00
N LYS A 478 3.13 3.27 -33.78
CA LYS A 478 3.76 2.09 -34.42
C LYS A 478 4.85 2.57 -35.38
N THR A 479 4.55 3.60 -36.19
CA THR A 479 5.51 3.99 -37.21
C THR A 479 6.69 4.72 -36.62
N GLU A 480 6.55 5.30 -35.44
CA GLU A 480 7.71 5.90 -34.83
C GLU A 480 8.69 4.86 -34.28
N LEU A 481 8.21 3.73 -33.78
CA LEU A 481 9.15 2.67 -33.44
C LEU A 481 9.65 1.98 -34.68
N GLN A 482 8.83 1.98 -35.73
CA GLN A 482 9.22 1.39 -37.00
C GLN A 482 10.39 2.14 -37.65
N ALA A 483 10.41 3.47 -37.55
CA ALA A 483 11.58 4.24 -37.98
C ALA A 483 12.84 3.77 -37.26
N ILE A 484 12.78 3.67 -35.93
CA ILE A 484 13.97 3.29 -35.18
C ILE A 484 14.41 1.89 -35.55
N TYR A 485 13.47 0.96 -35.72
CA TYR A 485 13.85 -0.39 -36.11
C TYR A 485 14.57 -0.34 -37.46
N LEU A 486 14.10 0.55 -38.35
CA LEU A 486 14.71 0.72 -39.67
C LEU A 486 16.19 1.15 -39.58
N ALA A 487 16.46 2.23 -38.84
CA ALA A 487 17.85 2.66 -38.62
C ALA A 487 18.71 1.57 -38.01
N LEU A 488 18.14 0.67 -37.21
CA LEU A 488 18.99 -0.35 -36.61
C LEU A 488 19.38 -1.39 -37.64
N GLN A 489 18.41 -1.84 -38.44
CA GLN A 489 18.66 -2.86 -39.45
C GLN A 489 19.75 -2.44 -40.42
N ASP A 490 19.85 -1.14 -40.72
CA ASP A 490 20.63 -0.63 -41.84
C ASP A 490 21.99 -0.04 -41.43
N SER A 491 22.51 -0.37 -40.26
CA SER A 491 23.66 0.40 -39.77
C SER A 491 24.75 -0.53 -39.27
N GLY A 492 25.86 0.06 -38.85
CA GLY A 492 26.97 -0.70 -38.30
C GLY A 492 26.71 -1.18 -36.87
N LEU A 493 27.72 -1.83 -36.30
CA LEU A 493 27.64 -2.26 -34.91
C LEU A 493 27.61 -1.08 -33.94
N GLU A 494 27.88 0.15 -34.42
CA GLU A 494 27.71 1.38 -33.65
C GLU A 494 26.85 2.34 -34.44
N VAL A 495 25.84 2.93 -33.82
CA VAL A 495 24.90 3.76 -34.55
C VAL A 495 24.36 4.85 -33.63
N ASN A 496 24.16 6.04 -34.20
CA ASN A 496 23.65 7.21 -33.50
C ASN A 496 22.27 7.53 -34.07
N ILE A 497 21.23 7.17 -33.35
CA ILE A 497 19.88 7.43 -33.79
C ILE A 497 19.41 8.72 -33.14
N VAL A 498 18.64 9.51 -33.88
CA VAL A 498 18.15 10.79 -33.41
C VAL A 498 16.70 10.90 -33.84
N THR A 499 15.79 11.00 -32.85
CA THR A 499 14.34 10.87 -33.01
C THR A 499 13.64 12.03 -32.34
N ASP A 500 12.46 12.39 -32.88
CA ASP A 500 11.64 13.51 -32.40
C ASP A 500 10.45 13.10 -31.55
N SER A 501 10.24 11.81 -31.29
CA SER A 501 9.03 11.35 -30.62
C SER A 501 9.34 10.90 -29.19
N GLN A 502 8.59 11.46 -28.23
CA GLN A 502 8.82 11.11 -26.84
C GLN A 502 8.36 9.71 -26.53
N TYR A 503 7.27 9.26 -27.15
CA TYR A 503 6.78 7.91 -26.93
C TYR A 503 7.87 6.88 -27.19
N ALA A 504 8.41 6.87 -28.42
CA ALA A 504 9.43 5.90 -28.79
C ALA A 504 10.68 6.04 -27.92
N LEU A 505 11.10 7.27 -27.62
CA LEU A 505 12.21 7.46 -26.68
C LEU A 505 11.88 6.92 -25.28
N GLY A 506 10.60 6.92 -24.90
CA GLY A 506 10.24 6.39 -23.60
C GLY A 506 10.42 4.90 -23.48
N ILE A 507 9.89 4.13 -24.45
CA ILE A 507 10.02 2.67 -24.43
C ILE A 507 11.49 2.28 -24.38
N ILE A 508 12.31 2.87 -25.26
CA ILE A 508 13.68 2.39 -25.44
C ILE A 508 14.52 2.68 -24.20
N GLN A 509 14.38 3.87 -23.62
CA GLN A 509 15.25 4.24 -22.52
C GLN A 509 14.91 3.45 -21.27
N ALA A 510 13.66 3.00 -21.15
CA ALA A 510 13.30 2.03 -20.14
C ALA A 510 14.14 0.75 -20.20
N GLN A 511 14.81 0.48 -21.33
CA GLN A 511 15.68 -0.67 -21.52
C GLN A 511 14.99 -2.02 -21.28
N PRO A 512 13.85 -2.27 -21.94
CA PRO A 512 13.17 -3.55 -21.74
C PRO A 512 13.91 -4.67 -22.44
N ASP A 513 13.68 -5.88 -21.94
CA ASP A 513 14.13 -7.09 -22.60
C ASP A 513 12.98 -8.03 -22.94
N LYS A 514 11.74 -7.63 -22.71
CA LYS A 514 10.57 -8.41 -23.09
C LYS A 514 9.41 -7.46 -23.33
N SER A 515 8.49 -7.84 -24.24
CA SER A 515 7.34 -6.97 -24.51
C SER A 515 6.18 -7.74 -25.11
N GLU A 516 4.99 -7.11 -25.07
CA GLU A 516 3.80 -7.57 -25.79
C GLU A 516 3.90 -7.34 -27.30
N SER A 517 4.32 -6.15 -27.73
CA SER A 517 4.46 -5.85 -29.16
C SER A 517 5.61 -6.63 -29.76
N GLU A 518 5.36 -7.28 -30.91
CA GLU A 518 6.44 -7.93 -31.64
C GLU A 518 7.44 -6.91 -32.18
N LEU A 519 6.96 -5.71 -32.53
CA LEU A 519 7.85 -4.65 -32.97
C LEU A 519 8.92 -4.36 -31.94
N VAL A 520 8.52 -4.12 -30.69
CA VAL A 520 9.49 -3.86 -29.64
C VAL A 520 10.40 -5.06 -29.43
N ASN A 521 9.88 -6.29 -29.56
CA ASN A 521 10.76 -7.46 -29.45
C ASN A 521 11.80 -7.46 -30.56
N GLN A 522 11.40 -7.15 -31.79
CA GLN A 522 12.36 -7.09 -32.88
C GLN A 522 13.39 -5.99 -32.67
N ILE A 523 12.96 -4.84 -32.13
CA ILE A 523 13.92 -3.81 -31.74
C ILE A 523 14.87 -4.31 -30.65
N ILE A 524 14.36 -5.13 -29.72
CA ILE A 524 15.25 -5.64 -28.67
C ILE A 524 16.29 -6.57 -29.26
N GLU A 525 15.88 -7.43 -30.21
CA GLU A 525 16.82 -8.35 -30.85
C GLU A 525 17.94 -7.58 -31.55
N GLN A 526 17.60 -6.47 -32.22
CA GLN A 526 18.59 -5.65 -32.91
C GLN A 526 19.53 -4.95 -31.95
N LEU A 527 19.02 -4.51 -30.78
CA LEU A 527 19.88 -3.79 -29.84
C LEU A 527 20.88 -4.70 -29.17
N ILE A 528 20.48 -5.96 -28.92
CA ILE A 528 21.42 -6.95 -28.39
C ILE A 528 22.55 -7.23 -29.38
N LYS A 529 22.23 -7.23 -30.69
CA LYS A 529 23.26 -7.45 -31.71
C LYS A 529 24.22 -6.27 -31.83
N LYS A 530 23.71 -5.04 -31.81
CA LYS A 530 24.57 -3.88 -31.97
C LYS A 530 25.64 -3.85 -30.88
N GLU A 531 26.78 -3.22 -31.18
CA GLU A 531 27.84 -3.11 -30.20
C GLU A 531 27.83 -1.79 -29.43
N LYS A 532 27.24 -0.73 -30.02
CA LYS A 532 27.06 0.56 -29.37
C LYS A 532 25.88 1.29 -30.01
N VAL A 533 24.94 1.79 -29.22
CA VAL A 533 23.83 2.60 -29.73
C VAL A 533 23.70 3.84 -28.85
N TYR A 534 23.67 5.01 -29.47
CA TYR A 534 23.32 6.24 -28.78
C TYR A 534 21.99 6.73 -29.35
N LEU A 535 21.00 6.87 -28.48
CA LEU A 535 19.71 7.41 -28.85
C LEU A 535 19.62 8.86 -28.36
N ALA A 536 19.02 9.71 -29.17
CA ALA A 536 19.00 11.13 -28.84
C ALA A 536 17.70 11.75 -29.31
N TRP A 537 17.26 12.74 -28.56
CA TRP A 537 15.94 13.35 -28.75
C TRP A 537 16.13 14.82 -29.10
N VAL A 538 15.31 15.31 -30.02
CA VAL A 538 15.29 16.74 -30.33
C VAL A 538 13.83 17.14 -30.40
N PRO A 539 13.51 18.39 -30.12
CA PRO A 539 12.12 18.85 -30.29
C PRO A 539 11.67 18.70 -31.73
N ALA A 540 10.50 18.10 -31.91
CA ALA A 540 9.91 17.97 -33.23
C ALA A 540 9.51 19.34 -33.78
N HIS A 541 9.60 19.50 -35.10
CA HIS A 541 9.15 20.75 -35.75
C HIS A 541 9.79 21.97 -35.09
N LYS A 542 11.10 21.93 -34.86
CA LYS A 542 11.81 23.11 -34.29
C LYS A 542 12.96 23.48 -35.22
N GLY A 543 12.84 23.14 -36.51
CA GLY A 543 13.90 23.46 -37.49
C GLY A 543 15.31 23.29 -36.97
N ILE A 544 15.59 22.16 -36.31
CA ILE A 544 16.93 21.97 -35.68
C ILE A 544 18.02 21.59 -36.69
N GLY A 545 17.66 20.86 -37.74
CA GLY A 545 18.68 20.39 -38.70
C GLY A 545 18.83 18.89 -38.62
N GLY A 546 18.28 18.17 -39.59
CA GLY A 546 18.30 16.70 -39.54
C GLY A 546 16.87 16.18 -39.53
N ASN A 547 16.13 16.46 -38.46
CA ASN A 547 14.71 16.04 -38.38
C ASN A 547 13.95 16.67 -39.55
N GLU A 548 14.03 18.00 -39.68
CA GLU A 548 13.30 18.71 -40.75
C GLU A 548 13.27 17.90 -42.05
N GLN A 549 14.42 17.36 -42.45
CA GLN A 549 14.50 16.60 -43.72
C GLN A 549 13.57 15.40 -43.56
N VAL A 550 13.89 14.48 -42.65
CA VAL A 550 13.08 13.23 -42.52
C VAL A 550 11.60 13.60 -42.57
N ASP A 551 11.18 14.52 -41.69
CA ASP A 551 9.73 14.87 -41.63
C ASP A 551 9.22 15.03 -43.06
N LYS A 552 9.94 15.82 -43.87
CA LYS A 552 9.54 15.98 -45.29
C LYS A 552 9.43 14.60 -45.93
N LEU A 553 10.57 13.91 -46.04
CA LEU A 553 10.57 12.55 -46.66
C LEU A 553 9.39 11.75 -46.12
N VAL A 554 9.28 11.63 -44.80
CA VAL A 554 8.19 10.82 -44.18
C VAL A 554 6.93 11.68 -44.07
N ILE B 5 -10.55 18.63 34.96
CA ILE B 5 -10.57 19.30 33.68
C ILE B 5 -11.82 18.89 32.90
N GLU B 6 -12.71 19.84 32.66
CA GLU B 6 -13.84 19.59 31.79
C GLU B 6 -13.36 19.39 30.35
N THR B 7 -14.20 18.79 29.52
CA THR B 7 -13.78 18.39 28.19
C THR B 7 -14.41 19.29 27.14
N VAL B 8 -13.60 19.73 26.17
CA VAL B 8 -14.08 20.43 24.98
C VAL B 8 -14.85 19.45 24.11
N PRO B 9 -16.16 19.63 23.90
CA PRO B 9 -16.88 18.76 22.99
C PRO B 9 -16.36 18.87 21.56
N VAL B 10 -16.40 17.72 20.85
CA VAL B 10 -15.79 17.58 19.53
C VAL B 10 -16.78 16.91 18.58
N LYS B 11 -16.95 17.48 17.41
CA LYS B 11 -17.94 17.01 16.44
C LYS B 11 -17.30 16.86 15.07
N LEU B 12 -17.62 15.75 14.39
CA LEU B 12 -17.26 15.64 12.98
C LEU B 12 -18.13 16.57 12.13
N LYS B 13 -17.66 16.87 10.92
CA LYS B 13 -18.51 17.53 9.94
C LYS B 13 -19.73 16.65 9.66
N PRO B 14 -20.96 17.16 9.81
CA PRO B 14 -22.13 16.26 9.80
C PRO B 14 -22.23 15.48 8.49
N GLY B 15 -22.78 14.27 8.61
CA GLY B 15 -22.81 13.31 7.51
C GLY B 15 -21.52 12.57 7.30
N MET B 16 -20.54 12.75 8.19
CA MET B 16 -19.25 12.09 8.10
C MET B 16 -19.21 10.99 9.16
N ASP B 17 -18.97 9.75 8.74
CA ASP B 17 -18.75 8.71 9.72
C ASP B 17 -17.27 8.69 10.13
N GLY B 18 -16.98 7.95 11.20
CA GLY B 18 -15.63 7.81 11.69
C GLY B 18 -14.73 7.05 10.73
N PRO B 19 -13.42 7.07 10.99
CA PRO B 19 -12.48 6.42 10.08
C PRO B 19 -12.47 4.91 10.28
N LYS B 20 -12.26 4.17 9.15
CA LYS B 20 -12.05 2.71 9.19
C LYS B 20 -10.94 2.37 8.21
N VAL B 21 -9.70 2.41 8.66
CA VAL B 21 -8.50 2.14 7.85
C VAL B 21 -7.88 0.79 8.24
N LYS B 22 -7.40 0.04 7.26
CA LYS B 22 -6.82 -1.27 7.55
C LYS B 22 -5.48 -1.12 8.27
N GLN B 23 -5.23 -2.03 9.22
CA GLN B 23 -3.96 -2.04 9.94
C GLN B 23 -2.90 -2.77 9.14
N TRP B 24 -1.73 -2.21 9.11
CA TRP B 24 -0.69 -2.77 8.27
C TRP B 24 0.02 -3.93 8.98
N PRO B 25 0.34 -5.01 8.28
CA PRO B 25 1.14 -6.08 8.88
C PRO B 25 2.48 -5.58 9.41
N LEU B 26 2.90 -6.07 10.59
CA LEU B 26 4.13 -5.61 11.23
C LEU B 26 5.07 -6.77 11.56
N THR B 27 6.37 -6.43 11.67
CA THR B 27 7.40 -7.31 12.20
C THR B 27 7.00 -7.83 13.58
N GLU B 28 7.52 -9.01 13.97
CA GLU B 28 7.32 -9.46 15.35
C GLU B 28 7.95 -8.49 16.34
N GLU B 29 9.17 -8.03 16.07
CA GLU B 29 9.85 -7.10 16.95
C GLU B 29 8.99 -5.84 17.22
N LYS B 30 8.43 -5.25 16.14
CA LYS B 30 7.61 -4.06 16.30
C LYS B 30 6.35 -4.35 17.09
N ILE B 31 5.72 -5.51 16.87
CA ILE B 31 4.51 -5.84 17.65
C ILE B 31 4.84 -5.92 19.13
N LYS B 32 6.02 -6.46 19.46
CA LYS B 32 6.41 -6.52 20.86
C LYS B 32 6.52 -5.13 21.45
N ALA B 33 7.12 -4.19 20.72
CA ALA B 33 7.23 -2.82 21.22
C ALA B 33 5.87 -2.19 21.46
N LEU B 34 4.93 -2.35 20.52
CA LEU B 34 3.60 -1.79 20.71
C LEU B 34 2.92 -2.37 21.92
N VAL B 35 3.05 -3.68 22.13
CA VAL B 35 2.38 -4.30 23.26
C VAL B 35 3.00 -3.85 24.59
N GLU B 36 4.32 -3.69 24.62
CA GLU B 36 4.95 -3.10 25.80
C GLU B 36 4.45 -1.68 26.00
N ILE B 37 4.70 -0.82 25.02
CA ILE B 37 4.22 0.58 25.08
C ILE B 37 2.77 0.65 25.52
N CYS B 38 1.89 -0.15 24.90
CA CYS B 38 0.47 0.03 25.15
C CYS B 38 0.09 -0.49 26.52
N THR B 39 0.87 -1.43 27.06
CA THR B 39 0.57 -1.92 28.40
C THR B 39 0.87 -0.86 29.46
N GLU B 40 1.96 -0.11 29.29
CA GLU B 40 2.22 1.00 30.20
C GLU B 40 1.15 2.07 30.06
N MET B 41 0.78 2.42 28.84
CA MET B 41 -0.23 3.47 28.61
C MET B 41 -1.58 3.11 29.18
N GLU B 42 -1.93 1.83 29.23
CA GLU B 42 -3.20 1.46 29.82
C GLU B 42 -3.16 1.68 31.31
N LYS B 43 -2.01 1.38 31.92
CA LYS B 43 -1.86 1.53 33.37
C LYS B 43 -1.93 3.01 33.76
N GLU B 44 -1.21 3.90 33.06
CA GLU B 44 -1.30 5.30 33.42
C GLU B 44 -2.64 5.91 33.03
N GLY B 45 -3.58 5.12 32.51
CA GLY B 45 -4.92 5.61 32.20
C GLY B 45 -5.11 6.25 30.83
N LYS B 46 -4.06 6.39 30.00
CA LYS B 46 -4.18 7.15 28.75
C LYS B 46 -5.09 6.44 27.73
N ILE B 47 -5.04 5.12 27.64
CA ILE B 47 -5.88 4.39 26.70
C ILE B 47 -6.52 3.19 27.39
N SER B 48 -7.61 2.73 26.78
CA SER B 48 -8.41 1.65 27.33
C SER B 48 -8.78 0.68 26.23
N LYS B 49 -9.00 -0.58 26.60
CA LYS B 49 -9.45 -1.59 25.66
C LYS B 49 -10.94 -1.41 25.36
N ILE B 50 -11.37 -1.85 24.17
CA ILE B 50 -12.71 -1.62 23.62
C ILE B 50 -13.32 -2.94 23.13
N GLY B 51 -14.59 -2.87 22.74
CA GLY B 51 -15.36 -4.04 22.36
C GLY B 51 -15.65 -4.14 20.87
N PRO B 52 -16.50 -5.09 20.49
CA PRO B 52 -16.75 -5.29 19.06
C PRO B 52 -17.78 -4.33 18.49
N GLU B 53 -18.46 -3.56 19.34
CA GLU B 53 -19.42 -2.55 18.90
C GLU B 53 -18.74 -1.21 18.60
N ASN B 54 -17.41 -1.19 18.51
CA ASN B 54 -16.61 -0.05 18.07
C ASN B 54 -16.01 -0.41 16.71
N PRO B 55 -16.55 0.09 15.60
CA PRO B 55 -16.12 -0.37 14.27
C PRO B 55 -14.95 0.38 13.65
N TYR B 56 -14.47 1.46 14.23
CA TYR B 56 -13.49 2.34 13.61
C TYR B 56 -12.07 1.77 13.75
N ASN B 57 -11.14 2.28 12.93
CA ASN B 57 -9.74 1.95 13.13
C ASN B 57 -8.84 2.97 12.46
N THR B 58 -7.60 3.00 12.92
CA THR B 58 -6.55 3.92 12.59
C THR B 58 -5.23 3.17 12.72
N PRO B 59 -4.36 3.23 11.71
CA PRO B 59 -3.16 2.40 11.74
C PRO B 59 -2.16 2.82 12.80
N VAL B 60 -1.41 1.83 13.34
CA VAL B 60 -0.34 2.11 14.28
C VAL B 60 0.98 1.59 13.73
N PHE B 61 2.04 2.36 13.96
CA PHE B 61 3.41 2.06 13.55
C PHE B 61 4.35 2.15 14.75
N ALA B 62 5.54 1.56 14.64
CA ALA B 62 6.55 1.68 15.68
C ALA B 62 7.86 2.16 15.04
N ILE B 63 8.36 3.31 15.51
CA ILE B 63 9.55 3.97 14.97
C ILE B 63 10.54 4.19 16.09
N LYS B 64 11.64 4.92 15.83
CA LYS B 64 12.72 5.03 16.80
C LYS B 64 13.07 6.49 17.17
N LYS B 65 12.07 7.39 17.15
CA LYS B 65 12.23 8.78 17.62
C LYS B 65 13.40 9.56 16.98
N SER B 68 17.31 6.83 18.43
CA SER B 68 17.30 6.45 19.83
C SER B 68 17.24 4.94 19.97
N THR B 69 17.56 4.43 21.17
CA THR B 69 17.57 3.00 21.44
C THR B 69 16.27 2.53 22.10
N LYS B 70 15.23 3.39 22.13
CA LYS B 70 13.92 3.04 22.63
C LYS B 70 12.88 3.29 21.54
N TRP B 71 11.79 2.53 21.67
CA TRP B 71 10.73 2.56 20.62
C TRP B 71 9.61 3.55 20.91
N ARG B 72 9.40 4.50 20.01
CA ARG B 72 8.24 5.38 20.06
C ARG B 72 7.11 4.77 19.24
N LYS B 73 5.87 5.12 19.59
CA LYS B 73 4.69 4.71 18.82
C LYS B 73 4.12 5.89 18.04
N LEU B 74 3.76 5.64 16.78
CA LEU B 74 3.26 6.66 15.86
C LEU B 74 1.90 6.20 15.33
N VAL B 75 0.91 7.06 15.38
CA VAL B 75 -0.45 6.74 14.93
C VAL B 75 -0.73 7.60 13.72
N ASP B 76 -1.30 6.98 12.68
CA ASP B 76 -1.57 7.66 11.41
C ASP B 76 -2.99 8.20 11.44
N PHE B 77 -3.15 9.38 12.06
CA PHE B 77 -4.46 10.02 12.12
C PHE B 77 -4.84 10.79 10.87
N ARG B 78 -4.20 10.55 9.72
CA ARG B 78 -4.52 11.30 8.51
C ARG B 78 -6.01 11.29 8.23
N GLU B 79 -6.63 10.12 8.13
CA GLU B 79 -8.05 10.07 7.78
C GLU B 79 -8.94 10.74 8.84
N LEU B 80 -8.69 10.50 10.13
CA LEU B 80 -9.52 11.16 11.14
C LEU B 80 -9.30 12.66 11.17
N ASN B 81 -8.15 13.13 10.68
CA ASN B 81 -7.97 14.58 10.57
C ASN B 81 -8.86 15.15 9.48
N LYS B 82 -8.98 14.47 8.34
CA LYS B 82 -9.85 14.96 7.28
C LYS B 82 -11.31 15.00 7.70
N ARG B 83 -11.71 14.13 8.60
CA ARG B 83 -13.11 14.04 8.95
C ARG B 83 -13.49 14.84 10.18
N THR B 84 -12.54 15.43 10.89
CA THR B 84 -12.88 16.34 11.97
C THR B 84 -12.23 17.70 11.83
N GLN B 85 -10.90 17.73 11.72
CA GLN B 85 -10.13 18.97 11.75
C GLN B 85 -10.47 19.89 10.59
N ASP B 86 -11.03 19.37 9.49
CA ASP B 86 -11.43 20.28 8.42
C ASP B 86 -12.52 21.24 8.89
N PHE B 87 -13.26 20.90 9.93
CA PHE B 87 -14.11 21.85 10.63
C PHE B 87 -13.43 22.42 11.86
N TRP B 88 -12.12 22.17 12.03
CA TRP B 88 -11.33 22.69 13.16
C TRP B 88 -10.05 23.38 12.70
N GLU B 89 -9.92 23.66 11.39
CA GLU B 89 -9.14 24.80 10.91
C GLU B 89 -9.95 26.07 10.97
N VAL B 90 -11.27 25.95 11.01
CA VAL B 90 -12.19 27.08 11.09
C VAL B 90 -12.58 27.40 12.53
N GLN B 91 -13.05 26.39 13.27
CA GLN B 91 -13.63 26.63 14.58
C GLN B 91 -12.57 27.00 15.61
N LEU B 92 -11.49 26.22 15.68
CA LEU B 92 -10.44 26.48 16.66
C LEU B 92 -9.07 26.63 15.98
N GLY B 93 -9.06 27.10 14.73
CA GLY B 93 -7.84 27.08 13.94
C GLY B 93 -6.71 27.87 14.57
N ILE B 94 -5.48 27.47 14.24
CA ILE B 94 -4.26 28.14 14.72
C ILE B 94 -3.69 28.94 13.56
N PRO B 95 -3.59 30.27 13.65
CA PRO B 95 -3.19 31.08 12.49
C PRO B 95 -1.69 31.11 12.25
N HIS B 96 -1.32 31.28 10.95
CA HIS B 96 0.06 31.09 10.47
C HIS B 96 0.80 32.41 10.21
N PRO B 97 1.89 32.68 10.93
CA PRO B 97 2.66 33.93 10.74
C PRO B 97 3.54 33.88 9.49
N ALA B 98 3.31 34.78 8.55
CA ALA B 98 4.16 34.85 7.36
C ALA B 98 5.53 35.50 7.62
N GLY B 99 5.88 35.80 8.89
CA GLY B 99 7.21 36.27 9.17
C GLY B 99 8.24 35.21 9.51
N LEU B 100 7.78 33.98 9.82
CA LEU B 100 8.68 32.92 10.29
C LEU B 100 9.64 32.48 9.21
N LYS B 101 9.19 32.42 7.95
CA LYS B 101 10.09 32.08 6.84
C LYS B 101 11.25 33.07 6.70
N LYS B 102 11.09 34.29 7.22
CA LYS B 102 12.05 35.39 7.01
C LYS B 102 13.08 35.55 8.13
N LYS B 103 12.98 34.78 9.21
CA LYS B 103 13.99 34.83 10.25
C LYS B 103 15.24 34.06 9.82
N LYS B 104 16.39 34.47 10.35
CA LYS B 104 17.66 33.89 9.95
C LYS B 104 17.80 32.46 10.48
N SER B 105 17.40 32.19 11.72
CA SER B 105 17.48 30.83 12.27
C SER B 105 16.11 30.42 12.79
N VAL B 106 15.83 29.11 12.77
CA VAL B 106 14.55 28.57 13.26
C VAL B 106 14.79 27.24 13.94
N THR B 107 14.65 27.15 15.27
CA THR B 107 14.76 25.85 15.94
C THR B 107 13.36 25.25 16.14
N VAL B 108 13.30 23.93 16.16
CA VAL B 108 12.03 23.21 16.30
C VAL B 108 12.05 22.43 17.60
N LEU B 109 11.03 22.64 18.43
CA LEU B 109 10.93 22.03 19.75
C LEU B 109 9.71 21.13 19.80
N ASP B 110 9.82 20.01 20.51
CA ASP B 110 8.78 18.98 20.55
C ASP B 110 8.00 19.10 21.85
N VAL B 111 6.76 19.56 21.75
CA VAL B 111 5.93 19.83 22.92
C VAL B 111 4.77 18.84 22.96
N GLY B 112 5.03 17.61 22.48
CA GLY B 112 3.97 16.62 22.34
C GLY B 112 3.43 16.09 23.65
N ASP B 113 4.24 16.17 24.71
CA ASP B 113 3.83 15.60 26.02
C ASP B 113 2.67 16.41 26.59
N ALA B 114 2.68 17.73 26.40
CA ALA B 114 1.63 18.56 26.97
C ALA B 114 0.26 17.89 26.87
N TYR B 115 -0.13 17.47 25.65
CA TYR B 115 -1.49 17.03 25.39
C TYR B 115 -1.93 15.87 26.31
N PHE B 116 -1.00 15.02 26.76
CA PHE B 116 -1.38 13.77 27.41
C PHE B 116 -2.01 13.95 28.79
N SER B 117 -1.94 15.14 29.35
CA SER B 117 -2.62 15.43 30.61
C SER B 117 -4.13 15.59 30.40
N VAL B 118 -4.53 16.19 29.28
CA VAL B 118 -5.89 16.69 29.05
C VAL B 118 -6.87 15.61 28.61
N PRO B 119 -7.96 15.38 29.35
CA PRO B 119 -8.95 14.37 28.95
C PRO B 119 -9.62 14.70 27.62
N LEU B 120 -9.98 13.65 26.89
CA LEU B 120 -10.67 13.76 25.60
C LEU B 120 -12.17 13.53 25.79
N ASP B 121 -12.96 14.34 25.08
CA ASP B 121 -14.42 14.29 25.14
C ASP B 121 -14.91 12.85 25.06
N GLU B 122 -15.67 12.44 26.08
CA GLU B 122 -16.05 11.02 26.22
C GLU B 122 -16.70 10.50 24.95
N ASP B 123 -17.63 11.26 24.36
CA ASP B 123 -18.35 10.77 23.18
C ASP B 123 -17.48 10.68 21.94
N PHE B 124 -16.32 11.35 21.91
CA PHE B 124 -15.46 11.33 20.73
C PHE B 124 -14.45 10.18 20.77
N ARG B 125 -14.22 9.58 21.95
CA ARG B 125 -13.13 8.64 22.10
C ARG B 125 -13.22 7.49 21.11
N LYS B 126 -14.43 7.08 20.74
CA LYS B 126 -14.56 5.90 19.90
C LYS B 126 -13.87 6.07 18.56
N TYR B 127 -13.65 7.29 18.12
CA TYR B 127 -12.98 7.48 16.84
C TYR B 127 -11.47 7.42 16.96
N THR B 128 -10.91 7.24 18.14
CA THR B 128 -9.47 7.09 18.25
C THR B 128 -9.02 5.63 18.23
N ALA B 129 -9.93 4.70 17.96
CA ALA B 129 -9.63 3.28 18.05
C ALA B 129 -8.47 2.87 17.14
N PHE B 130 -7.62 1.96 17.65
CA PHE B 130 -6.53 1.34 16.88
C PHE B 130 -6.34 -0.12 17.33
N THR B 131 -5.59 -0.89 16.52
CA THR B 131 -5.43 -2.34 16.67
C THR B 131 -3.95 -2.75 16.73
N ILE B 132 -3.56 -3.51 17.74
CA ILE B 132 -2.26 -4.14 17.59
C ILE B 132 -2.42 -5.46 16.87
N PRO B 133 -1.84 -5.64 15.68
CA PRO B 133 -2.06 -6.87 14.91
C PRO B 133 -1.31 -8.05 15.49
N SER B 134 -1.79 -9.22 15.09
CA SER B 134 -1.12 -10.47 15.49
C SER B 134 -0.43 -11.05 14.26
N ILE B 135 0.46 -12.01 14.46
CA ILE B 135 1.17 -12.66 13.36
C ILE B 135 0.33 -13.80 12.82
N ASN B 136 0.32 -13.97 11.50
CA ASN B 136 -0.42 -15.10 10.87
C ASN B 136 -1.87 -15.17 11.36
N ASN B 137 -2.55 -14.04 11.44
CA ASN B 137 -3.98 -14.03 11.83
C ASN B 137 -4.23 -15.05 12.94
N GLU B 138 -3.26 -15.22 13.84
CA GLU B 138 -3.42 -16.15 14.96
C GLU B 138 -4.60 -15.71 15.80
N THR B 139 -4.72 -14.40 16.04
CA THR B 139 -5.80 -13.89 16.93
C THR B 139 -6.23 -12.50 16.47
N PRO B 140 -7.53 -12.15 16.52
CA PRO B 140 -7.93 -10.79 16.21
C PRO B 140 -7.05 -9.95 17.12
N GLY B 141 -6.54 -8.83 16.65
CA GLY B 141 -5.56 -8.05 17.44
C GLY B 141 -6.08 -7.47 18.73
N ILE B 142 -5.23 -6.73 19.44
CA ILE B 142 -5.64 -6.04 20.66
C ILE B 142 -6.22 -4.69 20.27
N ARG B 143 -7.41 -4.36 20.76
CA ARG B 143 -8.09 -3.12 20.39
C ARG B 143 -8.08 -2.12 21.53
N TYR B 144 -7.72 -0.88 21.23
CA TYR B 144 -7.64 0.19 22.21
C TYR B 144 -8.32 1.45 21.67
N GLN B 145 -8.72 2.33 22.59
CA GLN B 145 -9.10 3.68 22.24
C GLN B 145 -8.53 4.64 23.26
N TYR B 146 -8.46 5.91 22.88
CA TYR B 146 -7.82 6.90 23.72
C TYR B 146 -8.79 7.53 24.73
N ASN B 147 -8.23 7.94 25.87
CA ASN B 147 -8.95 8.74 26.85
C ASN B 147 -8.35 10.13 27.00
N VAL B 148 -7.17 10.39 26.46
CA VAL B 148 -6.56 11.70 26.53
C VAL B 148 -6.36 12.23 25.11
N LEU B 149 -5.97 13.48 25.03
CA LEU B 149 -5.70 14.11 23.75
C LEU B 149 -4.58 13.37 23.04
N PRO B 150 -4.84 12.72 21.92
CA PRO B 150 -3.83 11.90 21.27
C PRO B 150 -2.85 12.71 20.44
N GLN B 151 -1.58 12.31 20.50
CA GLN B 151 -0.59 12.93 19.65
C GLN B 151 -0.87 12.60 18.18
N GLY B 152 -0.64 13.57 17.30
CA GLY B 152 -0.87 13.35 15.90
C GLY B 152 -2.26 13.68 15.43
N TRP B 153 -3.24 13.67 16.32
CA TRP B 153 -4.53 14.25 16.02
C TRP B 153 -4.41 15.76 15.92
N LYS B 154 -5.03 16.33 14.89
CA LYS B 154 -4.91 17.77 14.70
C LYS B 154 -5.78 18.57 15.67
N GLY B 155 -6.62 17.90 16.46
CA GLY B 155 -7.47 18.58 17.40
C GLY B 155 -6.80 18.77 18.74
N SER B 156 -5.80 17.96 19.05
CA SER B 156 -5.09 18.15 20.31
C SER B 156 -4.45 19.54 20.44
N PRO B 157 -3.85 20.11 19.41
CA PRO B 157 -3.23 21.42 19.62
C PRO B 157 -4.22 22.56 19.48
N ALA B 158 -5.31 22.38 18.72
CA ALA B 158 -6.42 23.32 18.78
C ALA B 158 -6.99 23.42 20.20
N ILE B 159 -7.30 22.28 20.81
CA ILE B 159 -7.87 22.29 22.14
C ILE B 159 -6.87 22.76 23.19
N PHE B 160 -5.59 22.50 23.03
CA PHE B 160 -4.61 22.90 24.02
C PHE B 160 -4.05 24.32 23.78
N GLN B 161 -4.51 24.98 22.73
CA GLN B 161 -4.03 26.31 22.35
C GLN B 161 -4.07 27.29 23.51
N SER B 162 -5.23 27.40 24.18
CA SER B 162 -5.41 28.38 25.24
C SER B 162 -4.36 28.24 26.35
N SER B 163 -4.12 26.99 26.79
CA SER B 163 -3.06 26.77 27.76
C SER B 163 -1.71 27.15 27.20
N MET B 164 -1.45 26.81 25.94
CA MET B 164 -0.17 27.11 25.34
C MET B 164 0.05 28.63 25.20
N THR B 165 -0.98 29.36 24.73
CA THR B 165 -0.86 30.82 24.67
C THR B 165 -0.54 31.41 26.04
N LYS B 166 -1.17 30.88 27.10
CA LYS B 166 -0.93 31.37 28.45
C LYS B 166 0.51 31.11 28.90
N ILE B 167 1.00 29.89 28.72
CA ILE B 167 2.36 29.57 29.18
C ILE B 167 3.40 30.37 28.41
N LEU B 168 3.18 30.57 27.12
CA LEU B 168 4.18 31.21 26.28
C LEU B 168 4.29 32.70 26.54
N GLU B 169 3.18 33.35 26.86
CA GLU B 169 3.13 34.81 26.89
C GLU B 169 4.15 35.48 27.81
N PRO B 170 4.44 35.00 29.03
CA PRO B 170 5.52 35.61 29.81
C PRO B 170 6.85 35.62 29.09
N PHE B 171 7.12 34.62 28.26
CA PHE B 171 8.34 34.59 27.47
C PHE B 171 8.23 35.46 26.23
N LYS B 172 7.04 35.52 25.62
CA LYS B 172 6.84 36.43 24.50
C LYS B 172 7.08 37.89 24.89
N LYS B 173 6.75 38.25 26.14
CA LYS B 173 6.94 39.63 26.59
C LYS B 173 8.41 39.97 26.68
N GLN B 174 9.19 39.14 27.37
CA GLN B 174 10.63 39.35 27.46
C GLN B 174 11.30 39.40 26.09
N ASN B 175 10.82 38.63 25.11
CA ASN B 175 11.44 38.50 23.80
C ASN B 175 10.41 38.82 22.73
N PRO B 176 10.06 40.09 22.55
CA PRO B 176 9.01 40.44 21.59
C PRO B 176 9.40 40.25 20.13
N ASP B 177 10.65 39.86 19.85
CA ASP B 177 11.12 39.75 18.47
C ASP B 177 11.28 38.32 18.00
N ILE B 178 10.97 37.34 18.84
CA ILE B 178 11.01 35.92 18.51
C ILE B 178 9.65 35.48 17.98
N VAL B 179 9.64 34.65 16.93
CA VAL B 179 8.41 34.13 16.36
C VAL B 179 8.20 32.71 16.88
N ILE B 180 7.05 32.45 17.51
CA ILE B 180 6.72 31.10 17.99
C ILE B 180 5.43 30.65 17.30
N TYR B 181 5.54 29.55 16.54
CA TYR B 181 4.42 29.01 15.78
C TYR B 181 4.26 27.53 16.14
N GLN B 182 3.02 27.08 16.18
CA GLN B 182 2.71 25.73 16.63
C GLN B 182 1.97 25.00 15.52
N TYR B 183 2.65 24.03 14.90
CA TYR B 183 2.06 23.03 14.02
C TYR B 183 2.04 21.70 14.76
N MET B 184 0.85 21.13 14.91
CA MET B 184 0.72 19.81 15.58
C MET B 184 1.48 19.78 16.91
N ASP B 185 2.42 18.86 17.06
CA ASP B 185 3.10 18.67 18.34
C ASP B 185 4.45 19.37 18.42
N ASP B 186 4.64 20.45 17.66
CA ASP B 186 5.97 21.04 17.57
C ASP B 186 5.89 22.56 17.57
N LEU B 187 6.85 23.18 18.26
CA LEU B 187 6.95 24.63 18.35
C LEU B 187 8.07 25.05 17.45
N TYR B 188 7.82 25.98 16.54
CA TYR B 188 8.87 26.54 15.71
C TYR B 188 9.24 27.91 16.29
N VAL B 189 10.49 28.05 16.71
CA VAL B 189 10.99 29.30 17.30
C VAL B 189 12.06 29.86 16.37
N GLY B 190 11.77 31.00 15.77
CA GLY B 190 12.70 31.66 14.84
C GLY B 190 13.14 33.02 15.32
N SER B 191 14.46 33.26 15.26
CA SER B 191 15.10 34.48 15.70
C SER B 191 15.96 35.07 14.60
N ASP B 192 16.61 36.20 14.92
CA ASP B 192 17.69 36.77 14.13
C ASP B 192 19.01 36.81 14.88
N LEU B 193 19.12 36.08 15.98
CA LEU B 193 20.34 36.09 16.76
C LEU B 193 21.43 35.28 16.07
N GLU B 194 22.68 35.56 16.47
CA GLU B 194 23.80 34.70 16.11
C GLU B 194 23.56 33.30 16.67
N ILE B 195 24.02 32.29 15.93
CA ILE B 195 23.75 30.91 16.32
C ILE B 195 24.07 30.68 17.79
N GLY B 196 25.07 31.41 18.32
CA GLY B 196 25.37 31.31 19.74
C GLY B 196 24.26 31.89 20.60
N GLN B 197 23.72 33.04 20.21
CA GLN B 197 22.66 33.65 21.02
C GLN B 197 21.30 33.00 20.76
N HIS B 198 21.04 32.59 19.52
CA HIS B 198 19.83 31.82 19.23
C HIS B 198 19.77 30.57 20.10
N ARG B 199 20.87 29.80 20.16
CA ARG B 199 20.89 28.58 20.95
C ARG B 199 20.78 28.87 22.45
N THR B 200 21.16 30.07 22.90
CA THR B 200 20.89 30.45 24.29
C THR B 200 19.40 30.65 24.49
N LYS B 201 18.81 31.59 23.74
CA LYS B 201 17.38 31.90 23.89
C LYS B 201 16.54 30.62 23.86
N ILE B 202 16.92 29.66 23.03
CA ILE B 202 16.15 28.42 22.97
C ILE B 202 16.22 27.70 24.29
N GLU B 203 17.36 27.73 24.95
CA GLU B 203 17.42 27.00 26.22
C GLU B 203 16.67 27.77 27.31
N GLU B 204 16.60 29.11 27.21
CA GLU B 204 15.73 29.86 28.09
C GLU B 204 14.29 29.40 27.94
N LEU B 205 13.83 29.30 26.69
CA LEU B 205 12.45 28.87 26.47
C LEU B 205 12.26 27.43 26.89
N ARG B 206 13.29 26.59 26.74
CA ARG B 206 13.17 25.21 27.19
C ARG B 206 13.01 25.15 28.69
N GLN B 207 13.65 26.06 29.42
CA GLN B 207 13.58 26.05 30.87
C GLN B 207 12.26 26.67 31.34
N HIS B 208 11.93 27.85 30.86
CA HIS B 208 10.60 28.39 31.10
C HIS B 208 9.53 27.34 30.86
N LEU B 209 9.63 26.61 29.75
CA LEU B 209 8.65 25.58 29.47
C LEU B 209 8.73 24.45 30.49
N LEU B 210 9.94 24.08 30.91
CA LEU B 210 10.06 22.93 31.80
C LEU B 210 9.58 23.28 33.21
N ARG B 211 9.79 24.53 33.64
CA ARG B 211 9.37 24.95 34.97
C ARG B 211 7.90 25.35 35.03
N TRP B 212 7.19 25.33 33.93
CA TRP B 212 5.73 25.40 33.96
C TRP B 212 5.08 24.04 33.74
N GLY B 213 5.84 22.96 33.92
CA GLY B 213 5.30 21.62 33.83
C GLY B 213 5.34 20.97 32.47
N LEU B 214 5.98 21.58 31.48
CA LEU B 214 5.94 21.11 30.09
C LEU B 214 7.32 20.57 29.70
N THR B 215 7.46 19.25 29.64
CA THR B 215 8.74 18.63 29.28
C THR B 215 8.89 18.47 27.78
N THR B 216 10.16 18.51 27.32
CA THR B 216 10.57 18.40 25.91
C THR B 216 11.92 17.68 25.89
N PRO B 217 12.15 16.79 24.92
CA PRO B 217 13.45 16.06 24.86
C PRO B 217 14.64 17.00 24.64
N ASP B 218 15.76 16.65 25.27
CA ASP B 218 16.98 17.49 25.24
C ASP B 218 18.11 16.92 24.40
N GLU B 233 18.26 22.73 13.66
CA GLU B 233 18.18 24.19 13.41
C GLU B 233 18.13 24.44 11.90
N LEU B 234 17.22 25.31 11.46
CA LEU B 234 17.10 25.62 10.01
C LEU B 234 17.45 27.08 9.78
N HIS B 235 17.64 27.47 8.52
CA HIS B 235 17.98 28.88 8.18
C HIS B 235 17.24 29.25 6.90
N PRO B 236 15.98 29.72 6.98
CA PRO B 236 15.16 29.97 5.78
C PRO B 236 15.57 31.28 5.15
N ASP B 237 16.87 31.49 5.03
CA ASP B 237 17.38 32.71 4.40
C ASP B 237 17.74 32.50 2.94
N LYS B 238 17.96 31.24 2.53
CA LYS B 238 18.24 30.92 1.10
C LYS B 238 17.13 30.00 0.58
N TRP B 239 15.87 30.33 0.86
CA TRP B 239 14.71 29.53 0.44
C TRP B 239 13.90 30.33 -0.60
N THR B 240 14.22 30.06 -1.87
CA THR B 240 13.49 30.70 -3.00
C THR B 240 13.39 29.66 -4.12
N VAL B 241 12.85 30.06 -5.27
CA VAL B 241 12.79 29.16 -6.44
C VAL B 241 14.16 29.19 -7.12
N GLN B 242 14.89 28.07 -7.07
CA GLN B 242 16.26 28.03 -7.61
C GLN B 242 16.23 28.13 -9.15
N PRO B 243 17.07 28.96 -9.76
CA PRO B 243 16.90 29.29 -11.18
C PRO B 243 17.43 28.20 -12.10
N ILE B 244 16.98 28.23 -13.36
CA ILE B 244 17.34 27.21 -14.33
C ILE B 244 18.73 27.50 -14.88
N VAL B 245 19.58 26.47 -14.93
CA VAL B 245 20.99 26.61 -15.30
C VAL B 245 21.21 26.08 -16.72
N LEU B 246 21.68 26.95 -17.61
CA LEU B 246 22.11 26.55 -18.95
C LEU B 246 23.57 26.13 -18.89
N PRO B 247 23.92 24.91 -19.28
CA PRO B 247 25.33 24.47 -19.21
C PRO B 247 26.23 25.41 -20.00
N GLU B 248 27.26 25.93 -19.32
CA GLU B 248 28.23 26.82 -19.94
C GLU B 248 29.42 25.99 -20.40
N LYS B 249 29.63 25.95 -21.72
CA LYS B 249 30.64 25.09 -22.32
C LYS B 249 31.60 25.94 -23.12
N ASP B 250 32.87 25.53 -23.14
CA ASP B 250 33.88 26.25 -23.91
C ASP B 250 33.74 25.96 -25.41
N SER B 251 33.54 24.68 -25.76
CA SER B 251 33.26 24.27 -27.13
C SER B 251 31.95 23.50 -27.15
N TRP B 252 31.31 23.46 -28.32
CA TRP B 252 29.97 22.89 -28.46
C TRP B 252 29.95 21.88 -29.60
N THR B 253 28.92 21.03 -29.64
CA THR B 253 28.77 20.02 -30.68
C THR B 253 27.35 20.09 -31.26
N VAL B 254 27.09 19.22 -32.24
CA VAL B 254 25.72 19.09 -32.74
C VAL B 254 24.81 18.54 -31.64
N ASN B 255 25.33 17.58 -30.87
CA ASN B 255 24.57 16.98 -29.77
C ASN B 255 24.31 17.99 -28.65
N ASP B 256 25.33 18.78 -28.29
CA ASP B 256 25.17 19.76 -27.22
C ASP B 256 24.20 20.88 -27.60
N ILE B 257 24.15 21.27 -28.86
CA ILE B 257 23.15 22.26 -29.27
C ILE B 257 21.77 21.63 -29.40
N GLN B 258 21.69 20.31 -29.54
CA GLN B 258 20.38 19.67 -29.53
C GLN B 258 19.83 19.59 -28.11
N LYS B 259 20.70 19.26 -27.15
CA LYS B 259 20.33 19.28 -25.74
C LYS B 259 19.99 20.70 -25.28
N LEU B 260 20.66 21.71 -25.83
CA LEU B 260 20.40 23.09 -25.45
C LEU B 260 19.07 23.59 -26.03
N VAL B 261 18.80 23.28 -27.30
CA VAL B 261 17.55 23.72 -27.91
C VAL B 261 16.37 22.98 -27.28
N GLY B 262 16.56 21.71 -26.93
CA GLY B 262 15.49 20.97 -26.31
C GLY B 262 15.13 21.50 -24.93
N LYS B 263 16.14 21.91 -24.16
CA LYS B 263 15.87 22.47 -22.85
C LYS B 263 15.15 23.81 -22.96
N LEU B 264 15.68 24.72 -23.77
CA LEU B 264 15.07 26.04 -23.91
C LEU B 264 13.65 25.97 -24.44
N ASN B 265 13.34 24.96 -25.24
CA ASN B 265 11.98 24.81 -25.75
C ASN B 265 11.01 24.43 -24.63
N TRP B 266 11.48 23.63 -23.66
CA TRP B 266 10.68 23.27 -22.49
C TRP B 266 10.52 24.45 -21.54
N ALA B 267 11.58 25.25 -21.34
CA ALA B 267 11.46 26.45 -20.53
C ALA B 267 10.44 27.44 -21.07
N SER B 268 10.19 27.42 -22.39
CA SER B 268 9.23 28.35 -22.97
C SER B 268 7.82 28.14 -22.43
N GLN B 269 7.55 26.99 -21.81
CA GLN B 269 6.30 26.78 -21.09
C GLN B 269 6.26 27.52 -19.76
N ILE B 270 7.40 27.99 -19.25
CA ILE B 270 7.47 28.71 -17.96
C ILE B 270 7.72 30.21 -18.18
N TYR B 271 8.82 30.57 -18.83
CA TYR B 271 9.13 31.93 -19.24
C TYR B 271 8.76 32.04 -20.73
N PRO B 272 7.57 32.55 -21.10
CA PRO B 272 7.16 32.50 -22.51
C PRO B 272 7.96 33.45 -23.44
N GLY B 273 8.82 34.31 -22.90
CA GLY B 273 9.62 35.20 -23.73
C GLY B 273 10.98 34.65 -24.13
N ILE B 274 11.03 33.43 -24.65
CA ILE B 274 12.28 32.78 -25.04
C ILE B 274 12.24 32.50 -26.53
N LYS B 275 13.29 32.91 -27.24
CA LYS B 275 13.42 32.71 -28.68
C LYS B 275 14.61 31.79 -28.93
N VAL B 276 14.36 30.67 -29.62
CA VAL B 276 15.39 29.73 -29.97
C VAL B 276 15.63 29.69 -31.47
N ARG B 277 15.00 30.62 -32.22
CA ARG B 277 15.09 30.62 -33.68
C ARG B 277 16.52 30.83 -34.18
N GLN B 278 17.38 31.48 -33.39
CA GLN B 278 18.75 31.70 -33.81
C GLN B 278 19.65 30.49 -33.57
N LEU B 279 19.48 29.79 -32.44
CA LEU B 279 20.33 28.64 -32.18
C LEU B 279 20.00 27.46 -33.08
N SER B 280 18.73 27.32 -33.49
CA SER B 280 18.33 26.17 -34.29
C SER B 280 18.84 26.24 -35.73
N LYS B 281 19.06 27.44 -36.26
CA LYS B 281 19.69 27.51 -37.57
C LYS B 281 21.17 27.16 -37.53
N LEU B 282 21.78 27.08 -36.33
CA LEU B 282 23.23 26.93 -36.22
C LEU B 282 23.72 25.56 -36.64
N LEU B 283 22.83 24.59 -36.77
CA LEU B 283 23.15 23.27 -37.33
C LEU B 283 22.13 23.03 -38.44
N ARG B 284 22.44 23.51 -39.65
CA ARG B 284 21.43 23.60 -40.71
C ARG B 284 21.29 22.30 -41.51
N GLY B 285 22.39 21.63 -41.86
CA GLY B 285 22.33 20.38 -42.59
C GLY B 285 22.44 19.16 -41.68
N THR B 286 21.96 18.02 -42.15
CA THR B 286 22.06 16.81 -41.35
C THR B 286 23.52 16.46 -41.12
N LYS B 287 24.01 16.66 -39.90
CA LYS B 287 25.42 16.54 -39.56
C LYS B 287 25.62 15.50 -38.48
N ALA B 288 26.81 14.88 -38.49
CA ALA B 288 27.14 13.89 -37.47
C ALA B 288 26.95 14.47 -36.07
N LEU B 289 26.65 13.59 -35.10
CA LEU B 289 26.32 14.07 -33.76
C LEU B 289 27.49 14.77 -33.11
N THR B 290 28.68 14.17 -33.20
CA THR B 290 29.86 14.74 -32.55
C THR B 290 30.48 15.89 -33.34
N GLU B 291 29.91 16.26 -34.50
CA GLU B 291 30.46 17.34 -35.30
C GLU B 291 30.42 18.66 -34.54
N VAL B 292 31.57 19.29 -34.38
CA VAL B 292 31.71 20.52 -33.59
C VAL B 292 31.23 21.71 -34.42
N ILE B 293 30.28 22.46 -33.88
CA ILE B 293 29.73 23.66 -34.53
C ILE B 293 30.14 24.86 -33.68
N PRO B 294 30.95 25.79 -34.22
CA PRO B 294 31.08 27.10 -33.56
C PRO B 294 29.82 27.94 -33.75
N LEU B 295 29.60 28.86 -32.83
CA LEU B 295 28.38 29.65 -32.79
C LEU B 295 28.59 31.03 -33.40
N THR B 296 27.56 31.53 -34.09
CA THR B 296 27.59 32.81 -34.77
C THR B 296 27.36 33.97 -33.79
N GLU B 297 27.37 35.20 -34.31
CA GLU B 297 27.06 36.35 -33.47
C GLU B 297 25.65 36.26 -32.91
N GLU B 298 24.66 36.00 -33.77
CA GLU B 298 23.26 35.92 -33.33
C GLU B 298 22.98 34.69 -32.46
N ALA B 299 23.90 33.73 -32.40
CA ALA B 299 23.72 32.56 -31.55
C ALA B 299 23.98 32.91 -30.09
N GLU B 300 25.20 33.38 -29.77
CA GLU B 300 25.50 33.79 -28.39
C GLU B 300 24.55 34.87 -27.90
N LEU B 301 24.03 35.69 -28.82
CA LEU B 301 23.02 36.70 -28.46
C LEU B 301 21.71 36.05 -28.06
N GLU B 302 21.29 34.99 -28.75
CA GLU B 302 20.12 34.25 -28.30
C GLU B 302 20.42 33.47 -27.02
N LEU B 303 21.69 33.10 -26.78
CA LEU B 303 22.07 32.36 -25.56
C LEU B 303 22.10 33.24 -24.32
N ALA B 304 22.68 34.44 -24.45
CA ALA B 304 22.79 35.34 -23.30
C ALA B 304 21.48 36.07 -23.01
N GLU B 305 20.68 36.40 -24.03
CA GLU B 305 19.34 36.95 -23.78
C GLU B 305 18.48 35.96 -23.02
N ASN B 306 18.56 34.68 -23.37
CA ASN B 306 17.84 33.62 -22.68
C ASN B 306 18.43 33.30 -21.31
N ARG B 307 19.72 33.55 -21.06
CA ARG B 307 20.28 33.32 -19.72
C ARG B 307 19.77 34.33 -18.70
N GLU B 308 19.53 35.58 -19.13
CA GLU B 308 19.06 36.63 -18.23
C GLU B 308 17.57 36.49 -17.90
N ILE B 309 16.76 36.01 -18.85
CA ILE B 309 15.35 35.78 -18.56
C ILE B 309 15.14 34.53 -17.70
N LEU B 310 16.17 33.68 -17.57
CA LEU B 310 16.10 32.42 -16.84
C LEU B 310 16.77 32.47 -15.46
N LYS B 311 17.40 33.60 -15.11
CA LYS B 311 17.89 33.82 -13.75
C LYS B 311 16.96 34.69 -12.92
N GLU B 312 15.98 35.39 -13.57
CA GLU B 312 14.95 36.29 -13.03
C GLU B 312 13.64 35.54 -12.81
N PRO B 313 13.05 35.61 -11.61
CA PRO B 313 11.87 34.78 -11.32
C PRO B 313 10.63 35.15 -12.14
N VAL B 314 9.62 34.27 -12.00
CA VAL B 314 8.44 34.20 -12.84
C VAL B 314 7.49 35.34 -12.54
N HIS B 315 6.47 35.49 -13.39
CA HIS B 315 5.38 36.45 -13.18
C HIS B 315 4.07 35.68 -13.07
N GLY B 316 3.27 36.02 -12.06
CA GLY B 316 1.93 35.47 -11.91
C GLY B 316 1.79 34.31 -10.94
N VAL B 317 2.80 34.04 -10.12
CA VAL B 317 2.84 32.86 -9.27
C VAL B 317 2.52 33.29 -7.84
N TYR B 318 1.32 32.96 -7.37
CA TYR B 318 0.87 33.34 -6.04
C TYR B 318 0.35 32.12 -5.28
N TYR B 319 0.73 32.01 -4.02
CA TYR B 319 0.14 30.98 -3.19
C TYR B 319 -1.39 31.12 -3.18
N ASP B 320 -2.08 30.03 -3.37
CA ASP B 320 -3.53 29.99 -3.22
C ASP B 320 -3.89 29.23 -1.95
N PRO B 321 -4.52 29.89 -0.96
CA PRO B 321 -4.88 29.19 0.28
C PRO B 321 -6.10 28.29 0.19
N SER B 322 -6.58 28.00 -1.01
CA SER B 322 -7.70 27.07 -1.18
C SER B 322 -7.28 25.79 -1.89
N LYS B 323 -6.25 25.86 -2.73
CA LYS B 323 -5.74 24.69 -3.42
C LYS B 323 -4.74 23.93 -2.53
N ASP B 324 -4.50 22.68 -2.88
CA ASP B 324 -3.47 21.96 -2.15
C ASP B 324 -2.08 22.27 -2.71
N LEU B 325 -1.08 22.05 -1.87
CA LEU B 325 0.30 22.04 -2.32
C LEU B 325 0.65 20.64 -2.82
N ILE B 326 1.54 20.60 -3.80
CA ILE B 326 1.94 19.37 -4.47
C ILE B 326 3.45 19.36 -4.58
N ALA B 327 4.10 18.32 -4.08
CA ALA B 327 5.55 18.24 -4.20
C ALA B 327 5.93 17.03 -5.02
N GLU B 328 6.64 17.26 -6.14
CA GLU B 328 7.19 16.23 -6.99
C GLU B 328 8.70 16.11 -6.76
N ILE B 329 9.19 14.90 -6.60
CA ILE B 329 10.61 14.63 -6.35
C ILE B 329 11.12 13.73 -7.47
N GLN B 330 12.36 14.00 -7.92
CA GLN B 330 12.97 13.15 -8.97
C GLN B 330 14.37 12.72 -8.53
N LYS B 331 14.74 11.47 -8.82
CA LYS B 331 16.04 10.93 -8.44
C LYS B 331 17.10 11.34 -9.46
N GLN B 332 18.22 11.86 -8.98
CA GLN B 332 19.27 12.39 -9.85
C GLN B 332 20.53 11.53 -9.97
N GLY B 333 20.82 10.69 -8.99
CA GLY B 333 22.02 9.87 -9.00
C GLY B 333 23.09 10.43 -8.06
N GLN B 334 23.90 9.52 -7.52
CA GLN B 334 24.95 9.86 -6.57
C GLN B 334 24.39 10.71 -5.42
N GLY B 335 23.38 10.16 -4.76
CA GLY B 335 22.84 10.75 -3.55
C GLY B 335 22.26 12.14 -3.71
N GLN B 336 21.77 12.47 -4.90
CA GLN B 336 21.20 13.79 -5.16
C GLN B 336 19.75 13.64 -5.64
N TRP B 337 18.87 14.44 -5.04
CA TRP B 337 17.44 14.40 -5.41
C TRP B 337 16.96 15.84 -5.50
N THR B 338 16.18 16.16 -6.52
CA THR B 338 15.72 17.56 -6.71
C THR B 338 14.21 17.56 -6.50
N TYR B 339 13.62 18.71 -6.11
CA TYR B 339 12.18 18.71 -5.79
C TYR B 339 11.50 19.98 -6.32
N GLN B 340 10.17 19.92 -6.45
CA GLN B 340 9.39 21.08 -6.93
C GLN B 340 8.05 21.12 -6.21
N ILE B 341 7.72 22.22 -5.55
CA ILE B 341 6.45 22.38 -4.87
C ILE B 341 5.63 23.40 -5.65
N TYR B 342 4.43 23.01 -6.07
CA TYR B 342 3.57 23.87 -6.86
C TYR B 342 2.12 23.63 -6.46
N GLN B 343 1.22 24.40 -7.02
CA GLN B 343 -0.21 24.16 -6.85
C GLN B 343 -0.93 24.00 -8.16
N GLU B 344 -0.44 24.64 -9.22
CA GLU B 344 -0.84 24.49 -10.61
C GLU B 344 0.39 24.09 -11.42
N PRO B 345 0.20 23.36 -12.51
CA PRO B 345 1.35 22.95 -13.34
C PRO B 345 2.21 24.14 -13.75
N PHE B 346 3.52 24.00 -13.54
CA PHE B 346 4.54 24.94 -14.02
C PHE B 346 4.61 26.28 -13.28
N LYS B 347 3.67 26.55 -12.38
CA LYS B 347 3.78 27.70 -11.49
C LYS B 347 4.41 27.26 -10.16
N ASN B 348 5.70 26.95 -10.25
CA ASN B 348 6.42 26.44 -9.08
C ASN B 348 6.55 27.52 -8.02
N LEU B 349 5.97 27.28 -6.85
CA LEU B 349 6.20 28.16 -5.71
C LEU B 349 7.55 27.95 -5.04
N LYS B 350 8.17 26.77 -5.17
CA LYS B 350 9.46 26.54 -4.52
C LYS B 350 10.15 25.38 -5.21
N THR B 351 11.48 25.46 -5.35
CA THR B 351 12.27 24.33 -5.85
C THR B 351 13.59 24.24 -5.07
N GLY B 352 14.14 23.04 -5.01
CA GLY B 352 15.38 22.83 -4.32
C GLY B 352 16.03 21.54 -4.76
N LYS B 353 17.12 21.17 -4.08
CA LYS B 353 17.84 19.92 -4.30
C LYS B 353 18.43 19.48 -2.96
N TYR B 354 18.29 18.19 -2.65
CA TYR B 354 18.71 17.62 -1.38
C TYR B 354 19.76 16.55 -1.64
N ALA B 355 20.87 16.62 -0.89
CA ALA B 355 21.94 15.64 -1.01
C ALA B 355 22.27 15.05 0.35
N ARG B 356 22.40 13.74 0.41
CA ARG B 356 22.79 13.11 1.68
C ARG B 356 24.30 13.20 1.83
N MET B 357 24.80 12.58 2.90
CA MET B 357 26.27 12.50 3.08
C MET B 357 26.60 11.24 3.89
N ARG B 358 25.72 10.23 3.83
CA ARG B 358 25.95 9.02 4.64
C ARG B 358 26.72 7.94 3.88
N GLY B 359 27.87 8.33 3.29
CA GLY B 359 28.83 7.46 2.62
C GLY B 359 28.32 6.29 1.79
N ALA B 360 28.61 5.08 2.25
CA ALA B 360 28.00 3.86 1.75
C ALA B 360 27.03 3.23 2.76
N HIS B 361 26.79 3.89 3.90
CA HIS B 361 25.72 3.54 4.83
C HIS B 361 24.42 4.29 4.52
N THR B 362 24.24 4.70 3.26
CA THR B 362 23.04 5.36 2.78
C THR B 362 22.45 4.55 1.63
N ASN B 363 21.13 4.41 1.61
CA ASN B 363 20.44 3.67 0.56
C ASN B 363 19.33 4.54 -0.03
N ASP B 364 18.70 4.03 -1.09
CA ASP B 364 17.74 4.83 -1.86
C ASP B 364 16.53 5.25 -1.03
N VAL B 365 16.09 4.42 -0.09
CA VAL B 365 14.91 4.73 0.68
C VAL B 365 15.25 5.57 1.91
N LYS B 366 16.44 5.43 2.46
CA LYS B 366 16.85 6.39 3.48
C LYS B 366 16.88 7.80 2.90
N GLN B 367 17.41 7.96 1.69
CA GLN B 367 17.55 9.27 1.07
C GLN B 367 16.21 9.87 0.68
N LEU B 368 15.31 9.06 0.10
CA LEU B 368 13.99 9.57 -0.25
C LEU B 368 13.19 9.97 1.00
N THR B 369 13.34 9.21 2.09
CA THR B 369 12.59 9.48 3.31
C THR B 369 13.04 10.78 3.97
N GLU B 370 14.33 11.01 4.05
CA GLU B 370 14.80 12.30 4.55
C GLU B 370 14.42 13.44 3.62
N ALA B 371 14.47 13.21 2.30
CA ALA B 371 13.97 14.23 1.39
C ALA B 371 12.54 14.64 1.74
N VAL B 372 11.64 13.66 1.86
CA VAL B 372 10.24 13.97 2.16
C VAL B 372 10.13 14.72 3.47
N GLN B 373 10.91 14.33 4.46
CA GLN B 373 10.80 14.99 5.75
C GLN B 373 11.31 16.43 5.68
N LYS B 374 12.42 16.66 4.97
CA LYS B 374 12.93 18.02 4.84
C LYS B 374 11.99 18.90 4.02
N ILE B 375 11.39 18.33 2.97
CA ILE B 375 10.45 19.12 2.17
C ILE B 375 9.22 19.50 2.98
N THR B 376 8.72 18.60 3.82
CA THR B 376 7.53 18.87 4.62
C THR B 376 7.76 19.94 5.69
N THR B 377 8.96 20.03 6.25
CA THR B 377 9.24 21.10 7.18
C THR B 377 9.31 22.44 6.48
N GLU B 378 10.05 22.54 5.37
CA GLU B 378 10.07 23.79 4.64
C GLU B 378 8.66 24.22 4.28
N SER B 379 7.85 23.26 3.86
CA SER B 379 6.46 23.57 3.56
C SER B 379 5.73 24.11 4.79
N ILE B 380 6.02 23.57 5.98
CA ILE B 380 5.31 24.01 7.17
C ILE B 380 5.73 25.42 7.55
N VAL B 381 7.03 25.72 7.49
CA VAL B 381 7.55 27.04 7.86
C VAL B 381 7.00 28.10 6.93
N ILE B 382 6.88 27.78 5.65
CA ILE B 382 6.54 28.80 4.67
C ILE B 382 5.02 29.03 4.60
N TRP B 383 4.22 27.96 4.62
CA TRP B 383 2.79 28.08 4.38
C TRP B 383 1.92 27.61 5.52
N GLY B 384 2.47 26.97 6.55
CA GLY B 384 1.67 26.39 7.59
C GLY B 384 0.83 25.22 7.15
N LYS B 385 1.13 24.63 5.99
CA LYS B 385 0.52 23.35 5.66
C LYS B 385 1.52 22.54 4.86
N THR B 386 1.28 21.20 4.85
CA THR B 386 2.18 20.26 4.19
C THR B 386 1.65 19.88 2.82
N PRO B 387 2.55 19.59 1.88
CA PRO B 387 2.15 19.18 0.54
C PRO B 387 1.70 17.72 0.53
N LYS B 388 1.25 17.27 -0.64
CA LYS B 388 0.94 15.89 -0.92
C LYS B 388 1.94 15.43 -1.97
N PHE B 389 2.73 14.41 -1.65
CA PHE B 389 3.88 14.07 -2.46
C PHE B 389 3.51 13.10 -3.58
N LYS B 390 4.05 13.35 -4.78
CA LYS B 390 4.09 12.41 -5.90
C LYS B 390 5.46 11.71 -5.89
N LEU B 391 5.53 10.57 -5.18
CA LEU B 391 6.71 9.77 -4.81
C LEU B 391 7.09 8.77 -5.92
N PRO B 392 8.35 8.81 -6.37
CA PRO B 392 8.92 7.85 -7.34
C PRO B 392 9.44 6.53 -6.75
N ILE B 393 8.54 5.58 -6.48
CA ILE B 393 8.88 4.36 -5.76
C ILE B 393 7.72 3.39 -5.90
N GLN B 394 7.98 2.09 -6.01
CA GLN B 394 6.87 1.14 -6.05
C GLN B 394 6.06 1.26 -4.75
N LYS B 395 4.73 1.26 -4.88
CA LYS B 395 3.86 1.55 -3.73
C LYS B 395 4.06 0.54 -2.61
N GLU B 396 3.99 -0.76 -2.92
CA GLU B 396 4.18 -1.79 -1.90
C GLU B 396 5.57 -1.66 -1.27
N THR B 397 6.58 -1.27 -2.06
CA THR B 397 7.91 -1.11 -1.49
C THR B 397 7.90 -0.05 -0.40
N TRP B 398 7.29 1.12 -0.69
CA TRP B 398 7.23 2.22 0.28
C TRP B 398 6.42 1.83 1.52
N GLU B 399 5.31 1.11 1.32
CA GLU B 399 4.42 0.69 2.40
C GLU B 399 5.09 -0.30 3.34
N THR B 400 6.35 -0.62 3.06
CA THR B 400 7.08 -1.63 3.80
C THR B 400 8.27 -1.08 4.57
N TRP B 401 8.88 0.01 4.16
CA TRP B 401 10.12 0.46 4.77
C TRP B 401 10.15 1.93 5.16
N TRP B 402 9.07 2.68 4.93
CA TRP B 402 9.13 4.12 5.15
C TRP B 402 9.37 4.42 6.63
N THR B 403 8.73 3.64 7.53
CA THR B 403 8.87 3.68 8.99
C THR B 403 10.25 3.33 9.51
N GLU B 404 11.20 2.94 8.68
CA GLU B 404 12.53 2.62 9.20
C GLU B 404 13.43 3.84 9.34
N TYR B 405 13.06 4.99 8.78
CA TYR B 405 13.85 6.20 8.94
C TYR B 405 12.96 7.38 9.25
N TRP B 406 11.67 7.13 9.48
CA TRP B 406 10.74 8.21 9.80
C TRP B 406 11.02 8.68 11.21
N GLN B 407 11.57 9.89 11.34
CA GLN B 407 11.82 10.48 12.64
C GLN B 407 10.75 11.49 13.07
N ALA B 408 9.72 11.72 12.27
CA ALA B 408 8.77 12.80 12.49
C ALA B 408 7.48 12.28 13.12
N THR B 409 6.68 13.22 13.63
CA THR B 409 5.43 12.88 14.29
C THR B 409 4.21 13.10 13.41
N TRP B 410 4.29 13.97 12.42
CA TRP B 410 3.24 14.02 11.42
C TRP B 410 3.53 13.03 10.26
N ILE B 411 2.57 12.90 9.36
CA ILE B 411 2.68 12.04 8.19
C ILE B 411 1.99 12.75 7.03
N PRO B 412 2.70 13.19 6.01
CA PRO B 412 2.02 13.79 4.86
C PRO B 412 1.25 12.76 4.04
N GLU B 413 0.36 13.26 3.20
CA GLU B 413 -0.26 12.44 2.17
C GLU B 413 0.69 12.22 0.98
N TRP B 414 0.50 11.09 0.29
CA TRP B 414 1.36 10.75 -0.82
C TRP B 414 0.64 9.83 -1.79
N GLU B 415 1.09 9.85 -3.03
CA GLU B 415 0.73 8.81 -4.00
C GLU B 415 1.99 8.49 -4.79
N PHE B 416 1.91 7.45 -5.63
CA PHE B 416 3.11 6.88 -6.20
C PHE B 416 3.09 7.05 -7.71
N VAL B 417 4.05 7.82 -8.22
CA VAL B 417 4.08 8.17 -9.64
C VAL B 417 4.90 7.07 -10.30
N ASN B 418 4.22 5.97 -10.64
CA ASN B 418 4.82 4.86 -11.38
C ASN B 418 5.17 5.25 -12.82
N THR B 419 4.72 6.44 -13.30
CA THR B 419 5.18 7.00 -14.57
C THR B 419 6.57 7.63 -14.39
N PRO B 420 7.55 7.28 -15.22
CA PRO B 420 8.91 7.83 -15.05
C PRO B 420 8.96 9.31 -15.38
N PRO B 421 10.06 10.01 -15.06
CA PRO B 421 10.22 11.39 -15.54
C PRO B 421 10.43 11.59 -17.05
N LEU B 422 11.49 11.01 -17.63
CA LEU B 422 12.00 11.32 -18.97
C LEU B 422 12.61 12.73 -19.03
N VAL B 423 12.49 13.50 -17.96
CA VAL B 423 13.00 14.88 -17.94
C VAL B 423 14.35 14.90 -17.23
N LYS B 424 14.30 14.61 -15.92
CA LYS B 424 15.53 14.56 -15.07
C LYS B 424 16.48 15.70 -15.34
N LEU B 425 17.41 15.52 -16.27
CA LEU B 425 18.46 16.51 -16.45
C LEU B 425 17.92 17.91 -16.65
N TRP B 426 16.65 18.03 -17.03
CA TRP B 426 16.12 19.38 -17.13
C TRP B 426 15.97 20.03 -15.76
N TYR B 427 16.24 19.29 -14.69
CA TYR B 427 16.25 19.82 -13.34
C TYR B 427 17.62 19.58 -12.73
O1 VP2 C . 1.21 -29.73 14.54
C2 VP2 C . -1.80 -29.87 14.00
N1 VP2 C . -0.85 -28.78 13.99
C1 VP2 C . 0.57 -28.76 14.29
C15 VP2 C . -5.70 -24.46 12.69
C16 VP2 C . -5.47 -26.51 13.78
C17 VP2 C . -6.20 -27.70 13.79
C3 VP2 C . -1.58 -30.98 13.03
N2 VP2 C . -6.12 -25.72 12.95
C5 VP2 C . 0.56 -26.50 15.38
C4 VP2 C . 1.21 -27.36 14.26
C6 VP2 C . -1.59 -25.99 16.34
C7 VP2 C . -0.95 -25.40 17.43
N3 VP2 C . -9.31 -29.15 12.14
C10 VP2 C . -3.74 -25.79 17.44
C11 VP2 C . -2.97 -26.17 16.33
C12 VP2 C . -4.33 -26.00 14.40
C13 VP2 C . -3.88 -24.74 14.15
C14 VP2 C . -4.56 -23.95 13.29
C9 VP2 C . -3.11 -25.22 18.53
C8 VP2 C . -1.72 -25.02 18.51
C18 VP2 C . -7.31 -27.51 12.88
C19 VP2 C . -8.45 -28.47 12.46
C20 VP2 C . -7.17 -26.20 12.39
F1 VP2 C . -2.75 -31.69 13.25
F2 VP2 C . -0.39 -31.55 13.43
O2 VP2 C . -0.83 -26.36 15.24
O3 VP2 C . -3.60 -26.80 15.26
P PO4 D . 15.34 14.64 8.50
O1 PO4 D . 16.85 14.68 8.58
O2 PO4 D . 14.70 15.34 9.68
O3 PO4 D . 14.94 13.19 8.49
O4 PO4 D . 14.91 15.32 7.22
#